data_8IVD
#
_entry.id   8IVD
#
_cell.length_a   131.512
_cell.length_b   208.895
_cell.length_c   77.580
_cell.angle_alpha   90.000
_cell.angle_beta   90.000
_cell.angle_gamma   90.000
#
_symmetry.space_group_name_H-M   'C 2 2 21'
#
loop_
_entity.id
_entity.type
_entity.pdbx_description
1 polymer 'Insulin-like growth factor-binding protein 7,Complement component C1q receptor'
2 water water
#
_entity_poly.entity_id   1
_entity_poly.type   'polypeptide(L)'
_entity_poly.pdbx_seq_one_letter_code
;DYKDDDDADTCGPCEPASCPPLPPLGCLLGETRDACGCCPMCARGEGEPCGGGGAGRGYCAPGMECVKSRKRRKGKAGAA
AGGPGVSGVCVCKSRYPVCGSDGTTYPSGCQLRAASQRAESRGEKAITQVSKGTCEQGGSGGSSGGSGSGDTEAVVCVGT
ACYTAHSGKLSAAEAQNHCNQNGGNLATVKSKEEAQHVQRVLAQLLRREAALTARMSKFWIGLQREKGKCLDPSLPLKGF
SWVGGGEDTPYSNWHKELRNSCISKRCVSLLLDLSQPLLPSRLPKWSEGPCGSPGSPGSNIEGFVCKFSFKGMCRPLALG
GPGQVTYTTPFQTTSSSLEAVPFASAANVACGEGDKDETQSHYFLCKEKAPDVFDWGSSGPLCVSPKYGCNFNNGGCHQD
CFEGGDGSFLCGCRPGFRLLDDLVTCASRNPCSSSPCRGGATCVLGPHGKNYTCRCPQGYQLDSSQLDCVDVDHHHHHHH
A
;
_entity_poly.pdbx_strand_id   A,B,C,D
#
# COMPACT_ATOMS: atom_id res chain seq x y z
N THR A 152 10.83 -16.50 -10.86
CA THR A 152 11.10 -15.07 -10.87
C THR A 152 9.85 -14.28 -10.51
N GLU A 153 9.94 -13.47 -9.47
CA GLU A 153 8.82 -12.65 -9.04
C GLU A 153 8.56 -11.55 -10.07
N ALA A 154 7.28 -11.39 -10.43
CA ALA A 154 6.88 -10.38 -11.41
C ALA A 154 6.88 -9.00 -10.75
N VAL A 155 7.62 -8.06 -11.34
CA VAL A 155 7.74 -6.72 -10.78
C VAL A 155 8.10 -5.76 -11.90
N VAL A 156 7.47 -4.59 -11.89
CA VAL A 156 7.77 -3.51 -12.81
C VAL A 156 7.77 -2.21 -12.02
N CYS A 157 8.87 -1.46 -12.11
CA CYS A 157 9.04 -0.21 -11.38
C CYS A 157 9.16 0.92 -12.38
N VAL A 158 8.20 1.84 -12.37
CA VAL A 158 8.15 2.95 -13.32
C VAL A 158 7.79 4.22 -12.55
N GLY A 159 8.49 5.31 -12.87
CA GLY A 159 8.21 6.59 -12.25
C GLY A 159 8.74 6.68 -10.83
N THR A 160 7.83 6.71 -9.86
CA THR A 160 8.18 6.61 -8.44
C THR A 160 7.37 5.53 -7.74
N ALA A 161 6.83 4.58 -8.51
CA ALA A 161 6.01 3.51 -7.97
C ALA A 161 6.42 2.19 -8.58
N CYS A 162 6.11 1.10 -7.88
CA CYS A 162 6.39 -0.24 -8.33
C CYS A 162 5.12 -1.07 -8.31
N TYR A 163 5.11 -2.14 -9.11
CA TYR A 163 3.97 -3.03 -9.21
C TYR A 163 4.46 -4.47 -9.16
N THR A 164 3.87 -5.26 -8.27
CA THR A 164 4.18 -6.68 -8.14
C THR A 164 2.90 -7.49 -8.28
N ALA A 165 3.00 -8.63 -8.96
CA ALA A 165 1.86 -9.52 -9.19
C ALA A 165 2.22 -10.90 -8.65
N HIS A 166 1.38 -11.42 -7.75
CA HIS A 166 1.59 -12.71 -7.13
C HIS A 166 0.38 -13.60 -7.39
N SER A 167 0.63 -14.82 -7.86
CA SER A 167 -0.45 -15.77 -8.05
C SER A 167 -0.87 -16.35 -6.70
N GLY A 168 -2.05 -16.94 -6.68
CA GLY A 168 -2.59 -17.53 -5.47
C GLY A 168 -4.04 -17.13 -5.27
N LYS A 169 -4.79 -18.01 -4.60
CA LYS A 169 -6.21 -17.80 -4.36
C LYS A 169 -6.38 -17.17 -2.97
N LEU A 170 -6.22 -15.85 -2.93
CA LEU A 170 -6.39 -15.08 -1.71
C LEU A 170 -7.57 -14.13 -1.84
N SER A 171 -8.34 -13.99 -0.77
CA SER A 171 -9.43 -13.04 -0.76
C SER A 171 -8.86 -11.62 -0.77
N ALA A 172 -9.72 -10.66 -1.17
CA ALA A 172 -9.27 -9.28 -1.27
C ALA A 172 -8.80 -8.74 0.08
N ALA A 173 -9.29 -9.31 1.18
CA ALA A 173 -8.80 -8.90 2.49
C ALA A 173 -7.41 -9.45 2.76
N GLU A 174 -7.16 -10.71 2.37
CA GLU A 174 -5.83 -11.29 2.54
C GLU A 174 -4.83 -10.67 1.57
N ALA A 175 -5.27 -10.34 0.36
CA ALA A 175 -4.38 -9.72 -0.61
C ALA A 175 -3.94 -8.34 -0.16
N GLN A 176 -4.90 -7.52 0.30
CA GLN A 176 -4.55 -6.20 0.82
C GLN A 176 -3.64 -6.31 2.04
N ASN A 177 -3.85 -7.32 2.88
CA ASN A 177 -2.98 -7.53 4.03
C ASN A 177 -1.59 -7.96 3.60
N HIS A 178 -1.49 -8.72 2.51
CA HIS A 178 -0.18 -9.13 2.01
C HIS A 178 0.61 -7.94 1.49
N CYS A 179 -0.04 -7.04 0.74
CA CYS A 179 0.63 -5.85 0.26
C CYS A 179 0.95 -4.91 1.42
N ASN A 180 0.12 -4.90 2.47
CA ASN A 180 0.39 -4.05 3.62
C ASN A 180 1.62 -4.51 4.38
N GLN A 181 1.94 -5.80 4.34
CA GLN A 181 3.12 -6.30 5.05
C GLN A 181 4.40 -5.72 4.47
N ASN A 182 4.47 -5.59 3.14
CA ASN A 182 5.64 -5.03 2.47
C ASN A 182 5.59 -3.52 2.35
N GLY A 183 4.77 -2.86 3.16
CA GLY A 183 4.67 -1.41 3.12
C GLY A 183 3.93 -0.84 1.93
N GLY A 184 3.08 -1.64 1.28
CA GLY A 184 2.34 -1.17 0.14
C GLY A 184 0.87 -1.47 0.22
N ASN A 185 0.18 -1.38 -0.92
CA ASN A 185 -1.26 -1.63 -0.99
C ASN A 185 -1.56 -2.34 -2.30
N LEU A 186 -2.82 -2.75 -2.46
CA LEU A 186 -3.25 -3.33 -3.72
C LEU A 186 -3.17 -2.29 -4.83
N ALA A 187 -2.96 -2.77 -6.06
CA ALA A 187 -2.70 -1.87 -7.18
C ALA A 187 -3.90 -0.97 -7.46
N THR A 188 -3.60 0.21 -8.01
CA THR A 188 -4.60 1.20 -8.37
C THR A 188 -4.48 1.49 -9.85
N VAL A 189 -5.58 1.31 -10.59
CA VAL A 189 -5.61 1.62 -12.02
C VAL A 189 -6.21 3.01 -12.19
N LYS A 190 -5.53 4.01 -11.66
CA LYS A 190 -6.05 5.38 -11.70
C LYS A 190 -6.04 5.93 -13.11
N SER A 191 -4.86 5.95 -13.74
CA SER A 191 -4.69 6.46 -15.09
C SER A 191 -4.61 5.32 -16.09
N LYS A 192 -4.79 5.67 -17.36
CA LYS A 192 -4.62 4.69 -18.43
C LYS A 192 -3.18 4.20 -18.53
N GLU A 193 -2.22 4.98 -18.00
CA GLU A 193 -0.83 4.54 -18.01
C GLU A 193 -0.59 3.46 -16.97
N GLU A 194 -1.16 3.62 -15.77
CA GLU A 194 -1.06 2.57 -14.76
C GLU A 194 -1.69 1.28 -15.25
N ALA A 195 -2.69 1.36 -16.13
CA ALA A 195 -3.30 0.17 -16.68
C ALA A 195 -2.27 -0.67 -17.44
N GLN A 196 -1.46 -0.01 -18.28
CA GLN A 196 -0.42 -0.73 -19.01
C GLN A 196 0.62 -1.30 -18.05
N HIS A 197 1.03 -0.53 -17.05
CA HIS A 197 2.03 -1.01 -16.10
C HIS A 197 1.53 -2.22 -15.32
N VAL A 198 0.28 -2.16 -14.85
CA VAL A 198 -0.29 -3.31 -14.16
C VAL A 198 -0.54 -4.46 -15.15
N GLN A 199 -0.81 -4.13 -16.41
CA GLN A 199 -1.02 -5.19 -17.40
C GLN A 199 0.27 -5.92 -17.75
N ARG A 200 1.43 -5.29 -17.54
CA ARG A 200 2.69 -5.95 -17.85
C ARG A 200 3.12 -6.90 -16.74
N VAL A 201 3.00 -6.50 -15.48
CA VAL A 201 3.34 -7.40 -14.38
C VAL A 201 2.43 -8.62 -14.40
N LEU A 202 1.18 -8.46 -14.83
CA LEU A 202 0.32 -9.62 -15.02
C LEU A 202 0.75 -10.43 -16.23
N ALA A 203 1.10 -9.75 -17.32
CA ALA A 203 1.49 -10.44 -18.55
C ALA A 203 2.67 -11.37 -18.31
N GLN A 204 3.70 -10.87 -17.62
CA GLN A 204 4.86 -11.70 -17.34
C GLN A 204 4.60 -12.70 -16.21
N LEU A 205 3.57 -12.47 -15.40
CA LEU A 205 3.19 -13.48 -14.42
C LEU A 205 2.48 -14.64 -15.08
N LEU A 206 1.53 -14.34 -15.97
CA LEU A 206 0.86 -15.39 -16.73
C LEU A 206 1.85 -16.11 -17.65
N ARG A 207 2.79 -15.39 -18.24
CA ARG A 207 3.78 -16.01 -19.11
C ARG A 207 4.57 -17.10 -18.40
N ARG A 208 4.61 -17.08 -17.07
CA ARG A 208 5.26 -18.16 -16.33
C ARG A 208 4.43 -19.43 -16.35
N GLU A 209 3.11 -19.30 -16.18
CA GLU A 209 2.20 -20.44 -16.16
C GLU A 209 0.83 -20.00 -16.68
N ALA A 210 0.77 -19.74 -17.99
CA ALA A 210 -0.50 -19.33 -18.60
C ALA A 210 -1.44 -20.51 -18.77
N ALA A 211 -0.91 -21.68 -19.12
CA ALA A 211 -1.75 -22.86 -19.26
C ALA A 211 -2.29 -23.36 -17.93
N LEU A 212 -1.63 -23.01 -16.83
CA LEU A 212 -2.08 -23.40 -15.50
C LEU A 212 -3.11 -22.45 -14.91
N THR A 213 -3.33 -21.30 -15.54
CA THR A 213 -4.32 -20.34 -15.09
C THR A 213 -5.54 -20.39 -16.00
N ALA A 214 -6.72 -20.22 -15.41
CA ALA A 214 -7.95 -20.28 -16.17
C ALA A 214 -7.99 -19.20 -17.25
N ARG A 215 -8.68 -19.50 -18.35
CA ARG A 215 -8.75 -18.57 -19.47
C ARG A 215 -9.48 -17.27 -19.11
N MET A 216 -10.20 -17.24 -18.01
CA MET A 216 -10.77 -16.00 -17.47
C MET A 216 -10.17 -15.82 -16.09
N SER A 217 -9.15 -14.97 -15.99
CA SER A 217 -8.41 -14.78 -14.74
C SER A 217 -8.82 -13.48 -14.08
N LYS A 218 -9.04 -13.52 -12.78
CA LYS A 218 -9.38 -12.36 -11.98
C LYS A 218 -8.22 -12.07 -11.04
N PHE A 219 -7.77 -10.82 -11.02
CA PHE A 219 -6.63 -10.41 -10.21
C PHE A 219 -7.03 -9.21 -9.36
N TRP A 220 -6.97 -9.38 -8.04
CA TRP A 220 -7.42 -8.36 -7.12
C TRP A 220 -6.63 -7.06 -7.31
N ILE A 221 -7.34 -5.93 -7.25
CA ILE A 221 -6.73 -4.61 -7.24
C ILE A 221 -7.36 -3.80 -6.12
N GLY A 222 -6.81 -2.60 -5.90
CA GLY A 222 -7.23 -1.79 -4.78
C GLY A 222 -8.41 -0.88 -5.05
N LEU A 223 -9.57 -1.47 -5.34
CA LEU A 223 -10.79 -0.71 -5.58
C LEU A 223 -11.96 -1.46 -4.97
N GLN A 224 -12.61 -0.85 -3.98
CA GLN A 224 -13.73 -1.48 -3.30
C GLN A 224 -14.70 -0.41 -2.83
N ARG A 225 -15.98 -0.77 -2.83
CA ARG A 225 -17.06 0.10 -2.35
C ARG A 225 -17.67 -0.56 -1.12
N GLU A 226 -17.25 -0.11 0.06
CA GLU A 226 -17.75 -0.69 1.30
C GLU A 226 -19.27 -0.52 1.38
N LYS A 227 -19.91 -1.48 2.06
CA LYS A 227 -21.36 -1.49 2.17
C LYS A 227 -21.85 -0.22 2.85
N GLY A 228 -22.90 0.37 2.28
CA GLY A 228 -23.46 1.60 2.82
C GLY A 228 -24.39 2.30 1.86
N LYS A 229 -23.86 2.77 0.74
CA LYS A 229 -24.64 3.49 -0.26
C LYS A 229 -24.43 2.85 -1.63
N CYS A 230 -25.42 3.03 -2.50
CA CYS A 230 -25.35 2.45 -3.82
C CYS A 230 -24.41 3.25 -4.72
N LEU A 231 -23.93 2.60 -5.76
CA LEU A 231 -23.04 3.26 -6.71
C LEU A 231 -23.76 4.43 -7.37
N ASP A 232 -23.02 5.52 -7.57
CA ASP A 232 -23.56 6.66 -8.29
C ASP A 232 -23.04 6.63 -9.73
N PRO A 233 -23.87 6.20 -10.70
CA PRO A 233 -23.37 5.98 -12.07
C PRO A 233 -22.60 7.16 -12.66
N SER A 234 -23.00 8.39 -12.32
CA SER A 234 -22.37 9.56 -12.90
C SER A 234 -20.88 9.61 -12.59
N LEU A 235 -20.47 9.11 -11.43
CA LEU A 235 -19.06 9.10 -11.08
C LEU A 235 -18.31 8.13 -11.98
N PRO A 236 -17.17 8.52 -12.54
CA PRO A 236 -16.39 7.57 -13.36
C PRO A 236 -15.92 6.36 -12.58
N LEU A 237 -15.61 6.52 -11.29
CA LEU A 237 -15.23 5.40 -10.44
C LEU A 237 -16.44 4.66 -9.87
N LYS A 238 -17.65 5.05 -10.27
CA LYS A 238 -18.88 4.37 -9.84
C LYS A 238 -19.02 4.34 -8.33
N GLY A 239 -18.65 5.44 -7.68
CA GLY A 239 -18.75 5.53 -6.23
C GLY A 239 -17.77 4.67 -5.46
N PHE A 240 -16.81 4.05 -6.14
CA PHE A 240 -15.83 3.22 -5.46
C PHE A 240 -14.75 4.11 -4.85
N SER A 241 -13.80 3.48 -4.16
CA SER A 241 -12.70 4.20 -3.53
C SER A 241 -11.45 3.33 -3.57
N TRP A 242 -10.31 3.96 -3.85
CA TRP A 242 -9.05 3.24 -3.82
C TRP A 242 -8.72 2.81 -2.40
N VAL A 243 -8.31 1.55 -2.23
CA VAL A 243 -8.10 1.01 -0.89
C VAL A 243 -7.00 1.78 -0.17
N GLY A 244 -5.99 2.22 -0.89
CA GLY A 244 -4.94 3.04 -0.31
C GLY A 244 -5.31 4.49 -0.10
N GLY A 245 -6.58 4.84 -0.22
CA GLY A 245 -7.00 6.23 -0.12
C GLY A 245 -6.90 6.95 -1.44
N GLY A 246 -7.01 8.27 -1.37
CA GLY A 246 -6.89 9.12 -2.53
C GLY A 246 -8.21 9.64 -3.03
N GLU A 247 -8.17 10.18 -4.25
CA GLU A 247 -9.31 10.83 -4.86
C GLU A 247 -9.96 9.91 -5.90
N ASP A 248 -10.89 10.45 -6.67
CA ASP A 248 -11.60 9.70 -7.71
C ASP A 248 -11.03 10.06 -9.07
N THR A 249 -10.59 9.02 -9.82
CA THR A 249 -9.96 9.15 -11.13
C THR A 249 -11.02 9.16 -12.23
N PRO A 250 -10.75 9.83 -13.35
CA PRO A 250 -11.71 9.84 -14.47
C PRO A 250 -11.59 8.65 -15.40
N TYR A 251 -10.62 7.76 -15.20
CA TYR A 251 -10.42 6.61 -16.06
C TYR A 251 -11.11 5.37 -15.48
N SER A 252 -11.74 4.59 -16.37
CA SER A 252 -12.43 3.37 -15.96
C SER A 252 -12.45 2.40 -17.13
N ASN A 253 -12.76 1.14 -16.83
CA ASN A 253 -12.86 0.09 -17.83
C ASN A 253 -13.80 -1.00 -17.31
N TRP A 254 -15.02 -0.60 -16.97
CA TRP A 254 -16.00 -1.55 -16.46
C TRP A 254 -16.48 -2.47 -17.58
N HIS A 255 -16.83 -3.70 -17.21
CA HIS A 255 -17.38 -4.68 -18.13
C HIS A 255 -18.72 -5.16 -17.62
N LYS A 256 -19.57 -5.61 -18.55
CA LYS A 256 -20.90 -6.13 -18.26
C LYS A 256 -21.69 -5.04 -17.53
N GLU A 257 -22.19 -5.27 -16.32
CA GLU A 257 -22.97 -4.28 -15.61
C GLU A 257 -22.80 -4.47 -14.11
N LEU A 258 -22.61 -3.36 -13.39
CA LEU A 258 -22.47 -3.44 -11.95
C LEU A 258 -23.83 -3.65 -11.29
N ARG A 259 -23.82 -4.35 -10.17
CA ARG A 259 -25.03 -4.64 -9.41
C ARG A 259 -25.31 -3.50 -8.45
N ASN A 260 -26.54 -2.98 -8.49
CA ASN A 260 -26.93 -1.84 -7.66
C ASN A 260 -27.31 -2.32 -6.25
N SER A 261 -26.33 -2.94 -5.58
CA SER A 261 -26.49 -3.42 -4.21
C SER A 261 -25.83 -2.42 -3.27
N CYS A 262 -26.63 -1.68 -2.52
CA CYS A 262 -26.14 -0.68 -1.59
C CYS A 262 -25.91 -1.23 -0.18
N ILE A 263 -26.02 -2.53 0.00
CA ILE A 263 -25.92 -3.14 1.32
C ILE A 263 -24.75 -4.12 1.43
N SER A 264 -24.15 -4.53 0.32
CA SER A 264 -23.06 -5.49 0.32
C SER A 264 -21.78 -4.83 -0.16
N LYS A 265 -20.71 -4.95 0.63
CA LYS A 265 -19.40 -4.47 0.23
C LYS A 265 -18.85 -5.35 -0.89
N ARG A 266 -18.30 -4.73 -1.92
CA ARG A 266 -17.87 -5.46 -3.11
C ARG A 266 -16.51 -4.95 -3.56
N CYS A 267 -15.62 -5.88 -3.88
CA CYS A 267 -14.27 -5.58 -4.30
C CYS A 267 -14.13 -5.78 -5.81
N VAL A 268 -13.11 -5.17 -6.39
CA VAL A 268 -12.90 -5.15 -7.83
C VAL A 268 -11.59 -5.85 -8.15
N SER A 269 -11.63 -6.75 -9.13
CA SER A 269 -10.45 -7.41 -9.66
C SER A 269 -10.37 -7.16 -11.16
N LEU A 270 -9.18 -7.38 -11.73
CA LEU A 270 -8.96 -7.20 -13.15
C LEU A 270 -9.22 -8.51 -13.88
N LEU A 271 -10.13 -8.48 -14.84
CA LEU A 271 -10.46 -9.65 -15.64
C LEU A 271 -9.59 -9.70 -16.89
N LEU A 272 -9.14 -10.90 -17.24
CA LEU A 272 -8.26 -11.09 -18.38
C LEU A 272 -8.68 -12.33 -19.15
N ASP A 273 -8.81 -12.20 -20.47
CA ASP A 273 -9.11 -13.33 -21.34
C ASP A 273 -7.78 -13.88 -21.86
N LEU A 274 -7.39 -15.05 -21.36
CA LEU A 274 -6.11 -15.65 -21.71
C LEU A 274 -6.18 -16.51 -22.96
N SER A 275 -7.37 -16.72 -23.54
CA SER A 275 -7.45 -17.42 -24.81
C SER A 275 -6.98 -16.55 -25.96
N GLN A 276 -7.10 -15.21 -25.82
CA GLN A 276 -6.67 -14.19 -26.76
C GLN A 276 -5.31 -13.63 -26.34
N PRO A 277 -4.51 -13.18 -27.30
CA PRO A 277 -3.20 -12.59 -26.95
C PRO A 277 -3.36 -11.29 -26.18
N LEU A 278 -2.43 -11.06 -25.26
CA LEU A 278 -2.46 -9.86 -24.43
C LEU A 278 -1.81 -8.69 -25.17
N LEU A 279 -2.51 -7.56 -25.18
CA LEU A 279 -2.07 -6.39 -25.93
C LEU A 279 -2.32 -5.14 -25.09
N PRO A 280 -1.45 -4.13 -25.21
CA PRO A 280 -1.70 -2.85 -24.50
C PRO A 280 -2.93 -2.11 -24.98
N SER A 281 -3.50 -2.49 -26.13
CA SER A 281 -4.72 -1.84 -26.61
C SER A 281 -5.97 -2.45 -25.97
N ARG A 282 -6.07 -3.78 -25.96
CA ARG A 282 -7.16 -4.48 -25.30
C ARG A 282 -6.85 -4.58 -23.80
N LEU A 283 -6.99 -3.44 -23.13
CA LEU A 283 -6.64 -3.34 -21.72
C LEU A 283 -7.58 -4.21 -20.88
N PRO A 284 -7.09 -4.76 -19.77
CA PRO A 284 -7.94 -5.60 -18.93
C PRO A 284 -9.16 -4.84 -18.42
N LYS A 285 -10.30 -5.53 -18.39
CA LYS A 285 -11.55 -4.93 -17.94
C LYS A 285 -11.74 -5.14 -16.45
N TRP A 286 -12.61 -4.32 -15.87
CA TRP A 286 -12.85 -4.31 -14.43
C TRP A 286 -14.08 -5.15 -14.11
N SER A 287 -14.02 -5.86 -12.98
CA SER A 287 -15.12 -6.73 -12.55
C SER A 287 -15.28 -6.60 -11.05
N GLU A 288 -16.48 -6.23 -10.60
CA GLU A 288 -16.79 -6.19 -9.19
C GLU A 288 -17.16 -7.61 -8.72
N GLY A 289 -17.70 -7.72 -7.51
CA GLY A 289 -18.10 -9.00 -6.99
C GLY A 289 -17.76 -9.16 -5.52
N PRO A 290 -18.09 -10.31 -4.95
CA PRO A 290 -17.78 -10.56 -3.53
C PRO A 290 -16.28 -10.57 -3.29
N CYS A 291 -15.88 -9.92 -2.19
CA CYS A 291 -14.47 -9.90 -1.82
C CYS A 291 -13.98 -11.27 -1.38
N GLY A 292 -14.87 -12.11 -0.87
CA GLY A 292 -14.51 -13.46 -0.48
C GLY A 292 -14.08 -13.55 0.97
N SER A 293 -13.68 -14.77 1.33
CA SER A 293 -13.23 -15.09 2.68
C SER A 293 -11.98 -15.94 2.58
N PRO A 294 -11.21 -16.06 3.67
CA PRO A 294 -10.05 -16.97 3.66
C PRO A 294 -10.42 -18.38 3.22
N GLY A 295 -9.75 -18.88 2.18
CA GLY A 295 -10.09 -20.15 1.59
C GLY A 295 -11.12 -20.08 0.48
N SER A 296 -11.93 -19.03 0.45
CA SER A 296 -12.93 -18.82 -0.60
C SER A 296 -12.76 -17.43 -1.17
N PRO A 297 -11.71 -17.21 -1.98
CA PRO A 297 -11.50 -15.86 -2.53
C PRO A 297 -12.56 -15.44 -3.53
N GLY A 298 -13.09 -16.37 -4.31
CA GLY A 298 -14.08 -16.05 -5.31
C GLY A 298 -13.84 -16.78 -6.62
N SER A 299 -14.75 -16.61 -7.57
CA SER A 299 -14.61 -17.29 -8.85
C SER A 299 -13.51 -16.64 -9.67
N ASN A 300 -12.65 -17.47 -10.27
CA ASN A 300 -11.58 -17.07 -11.17
C ASN A 300 -10.52 -16.19 -10.50
N ILE A 301 -10.58 -16.00 -9.19
CA ILE A 301 -9.56 -15.26 -8.47
C ILE A 301 -8.30 -16.10 -8.42
N GLU A 302 -7.26 -15.68 -9.14
CA GLU A 302 -6.02 -16.45 -9.23
C GLU A 302 -4.80 -15.56 -9.03
N GLY A 303 -4.94 -14.50 -8.25
CA GLY A 303 -3.81 -13.65 -7.95
C GLY A 303 -4.27 -12.24 -7.60
N PHE A 304 -3.27 -11.38 -7.41
CA PHE A 304 -3.50 -9.99 -7.04
C PHE A 304 -2.28 -9.18 -7.43
N VAL A 305 -2.41 -7.86 -7.37
CA VAL A 305 -1.35 -6.94 -7.76
C VAL A 305 -1.13 -5.94 -6.63
N CYS A 306 0.08 -5.94 -6.07
CA CYS A 306 0.46 -4.94 -5.07
C CYS A 306 1.17 -3.78 -5.74
N LYS A 307 0.82 -2.57 -5.33
CA LYS A 307 1.48 -1.35 -5.79
C LYS A 307 2.19 -0.68 -4.63
N PHE A 308 3.44 -0.31 -4.83
CA PHE A 308 4.25 0.37 -3.83
C PHE A 308 4.59 1.76 -4.33
N SER A 309 4.87 2.67 -3.40
CA SER A 309 5.21 4.05 -3.71
C SER A 309 6.47 4.44 -2.97
N PHE A 310 7.31 5.25 -3.62
CA PHE A 310 8.59 5.66 -3.06
C PHE A 310 8.82 7.13 -3.35
N LYS A 311 9.75 7.72 -2.58
CA LYS A 311 10.11 9.11 -2.81
C LYS A 311 10.82 9.30 -4.14
N GLY A 312 11.51 8.27 -4.62
CA GLY A 312 12.21 8.38 -5.88
C GLY A 312 12.79 7.05 -6.31
N MET A 313 13.56 7.09 -7.38
CA MET A 313 14.14 5.90 -7.99
C MET A 313 15.58 6.17 -8.40
N CYS A 314 16.42 5.13 -8.28
CA CYS A 314 17.75 5.15 -8.84
C CYS A 314 17.70 4.70 -10.30
N ARG A 315 18.88 4.65 -10.93
CA ARG A 315 18.99 4.09 -12.26
C ARG A 315 19.67 2.73 -12.19
N PRO A 316 19.40 1.84 -13.15
CA PRO A 316 20.09 0.54 -13.15
C PRO A 316 21.59 0.71 -13.33
N LEU A 317 22.35 -0.14 -12.65
CA LEU A 317 23.80 -0.10 -12.72
C LEU A 317 24.27 -0.57 -14.10
N ALA A 318 24.99 0.29 -14.80
CA ALA A 318 25.51 -0.05 -16.13
C ALA A 318 26.79 -0.86 -15.98
N LEU A 319 26.82 -2.04 -16.58
CA LEU A 319 27.99 -2.91 -16.54
C LEU A 319 28.78 -2.79 -17.84
N GLY A 320 30.10 -2.72 -17.71
CA GLY A 320 30.97 -2.71 -18.86
C GLY A 320 31.53 -4.05 -19.24
N GLY A 321 31.25 -5.09 -18.45
CA GLY A 321 31.73 -6.42 -18.71
C GLY A 321 30.78 -7.48 -18.21
N PRO A 322 31.22 -8.74 -18.25
CA PRO A 322 30.33 -9.84 -17.86
C PRO A 322 30.07 -9.84 -16.36
N GLY A 323 28.79 -9.88 -16.00
CA GLY A 323 28.40 -9.87 -14.61
C GLY A 323 26.91 -10.04 -14.46
N GLN A 324 26.47 -10.06 -13.21
CA GLN A 324 25.06 -10.20 -12.88
C GLN A 324 24.75 -9.36 -11.65
N VAL A 325 23.71 -8.53 -11.73
CA VAL A 325 23.32 -7.65 -10.64
C VAL A 325 21.96 -8.11 -10.13
N THR A 326 21.82 -8.14 -8.80
CA THR A 326 20.58 -8.54 -8.14
C THR A 326 20.12 -7.37 -7.28
N TYR A 327 19.09 -6.65 -7.77
CA TYR A 327 18.55 -5.49 -7.07
C TYR A 327 17.52 -5.95 -6.05
N THR A 328 17.80 -5.70 -4.77
CA THR A 328 16.89 -6.04 -3.69
C THR A 328 16.05 -4.82 -3.35
N THR A 329 14.79 -4.83 -3.75
CA THR A 329 13.89 -3.73 -3.49
C THR A 329 13.55 -3.66 -2.00
N PRO A 330 12.99 -2.53 -1.53
CA PRO A 330 12.56 -2.47 -0.13
C PRO A 330 11.57 -3.56 0.25
N PHE A 331 10.55 -3.78 -0.57
CA PHE A 331 9.72 -4.96 -0.39
C PHE A 331 10.53 -6.19 -0.77
N GLN A 332 10.21 -7.32 -0.15
CA GLN A 332 11.06 -8.50 -0.19
C GLN A 332 11.25 -9.07 -1.60
N THR A 333 10.58 -8.49 -2.58
CA THR A 333 10.84 -8.84 -3.98
C THR A 333 12.24 -8.39 -4.39
N THR A 334 13.03 -9.33 -4.93
CA THR A 334 14.35 -9.04 -5.45
C THR A 334 14.42 -9.51 -6.89
N SER A 335 14.80 -8.62 -7.80
CA SER A 335 14.86 -8.92 -9.22
C SER A 335 16.21 -8.52 -9.78
N SER A 336 16.53 -9.08 -10.95
CA SER A 336 17.76 -8.79 -11.66
C SER A 336 17.51 -8.04 -12.97
N SER A 337 16.27 -7.65 -13.24
CA SER A 337 15.90 -6.96 -14.47
C SER A 337 14.89 -5.86 -14.16
N LEU A 338 15.32 -4.89 -13.36
CA LEU A 338 14.47 -3.77 -12.96
C LEU A 338 14.76 -2.58 -13.85
N GLU A 339 13.73 -2.10 -14.55
CA GLU A 339 13.87 -0.91 -15.38
C GLU A 339 14.11 0.34 -14.54
N ALA A 340 13.78 0.30 -13.26
CA ALA A 340 14.08 1.39 -12.33
C ALA A 340 14.16 0.78 -10.94
N VAL A 341 15.08 1.30 -10.13
CA VAL A 341 15.35 0.76 -8.80
C VAL A 341 14.94 1.79 -7.76
N PRO A 342 14.08 1.46 -6.81
CA PRO A 342 13.57 2.45 -5.87
C PRO A 342 14.59 2.81 -4.79
N PHE A 343 14.22 3.81 -3.99
CA PHE A 343 15.05 4.25 -2.89
C PHE A 343 15.23 3.14 -1.87
N ALA A 344 16.38 3.15 -1.19
CA ALA A 344 16.72 2.18 -0.15
C ALA A 344 16.69 0.75 -0.68
N SER A 345 17.26 0.55 -1.86
CA SER A 345 17.37 -0.76 -2.48
C SER A 345 18.84 -1.16 -2.58
N ALA A 346 19.12 -2.44 -2.41
CA ALA A 346 20.48 -2.96 -2.46
C ALA A 346 20.71 -3.68 -3.77
N ALA A 347 21.89 -3.46 -4.36
CA ALA A 347 22.30 -4.13 -5.59
C ALA A 347 23.60 -4.87 -5.34
N ASN A 348 23.60 -6.17 -5.56
CA ASN A 348 24.76 -7.03 -5.37
C ASN A 348 25.28 -7.43 -6.75
N VAL A 349 26.34 -6.76 -7.20
CA VAL A 349 26.91 -7.03 -8.52
C VAL A 349 27.86 -8.22 -8.41
N ALA A 350 27.68 -9.20 -9.30
CA ALA A 350 28.51 -10.40 -9.34
C ALA A 350 29.36 -10.34 -10.61
N CYS A 351 30.46 -9.58 -10.53
CA CYS A 351 31.32 -9.40 -11.68
C CYS A 351 32.13 -10.67 -11.95
N GLY A 352 32.07 -11.16 -13.19
CA GLY A 352 32.82 -12.32 -13.60
C GLY A 352 31.96 -13.27 -14.39
N GLU A 353 32.38 -14.52 -14.45
CA GLU A 353 31.66 -15.55 -15.19
C GLU A 353 31.87 -16.93 -14.57
N THR A 359 35.76 -14.26 -9.14
CA THR A 359 34.41 -13.72 -9.19
C THR A 359 34.25 -12.58 -8.17
N GLN A 360 34.33 -11.35 -8.66
CA GLN A 360 34.21 -10.18 -7.79
C GLN A 360 32.78 -10.00 -7.32
N SER A 361 32.63 -9.47 -6.11
CA SER A 361 31.32 -9.25 -5.49
C SER A 361 31.27 -7.81 -4.97
N HIS A 362 30.61 -6.94 -5.72
CA HIS A 362 30.43 -5.55 -5.32
C HIS A 362 29.00 -5.32 -4.85
N TYR A 363 28.84 -4.34 -3.95
CA TYR A 363 27.55 -4.04 -3.36
C TYR A 363 27.36 -2.54 -3.30
N PHE A 364 26.15 -2.09 -3.67
CA PHE A 364 25.81 -0.68 -3.65
C PHE A 364 24.40 -0.51 -3.11
N LEU A 365 24.08 0.72 -2.71
CA LEU A 365 22.80 1.01 -2.06
C LEU A 365 22.27 2.33 -2.59
N CYS A 366 21.04 2.31 -3.11
CA CYS A 366 20.37 3.51 -3.60
C CYS A 366 20.25 4.56 -2.51
N LYS A 367 20.97 5.67 -2.65
CA LYS A 367 21.00 6.72 -1.64
C LYS A 367 20.68 8.06 -2.27
N GLU A 368 20.13 8.97 -1.46
CA GLU A 368 19.77 10.32 -1.90
C GLU A 368 21.05 11.15 -1.95
N LYS A 369 21.63 11.24 -3.16
CA LYS A 369 22.80 12.09 -3.34
C LYS A 369 22.44 13.56 -3.19
N ALA A 370 21.20 13.93 -3.50
CA ALA A 370 20.69 15.29 -3.41
C ALA A 370 19.17 15.27 -3.48
N PRO A 371 18.47 16.36 -3.11
CA PRO A 371 17.01 16.40 -3.31
C PRO A 371 16.61 16.06 -4.73
N ASP A 372 15.75 15.03 -4.87
CA ASP A 372 15.33 14.51 -6.17
C ASP A 372 16.52 14.00 -6.99
N VAL A 373 17.55 13.50 -6.30
CA VAL A 373 18.73 12.93 -6.94
C VAL A 373 19.07 11.64 -6.22
N PHE A 374 19.10 10.52 -6.95
CA PHE A 374 19.37 9.21 -6.37
C PHE A 374 20.52 8.56 -7.12
N ASP A 375 21.55 8.13 -6.37
CA ASP A 375 22.72 7.53 -6.95
C ASP A 375 23.21 6.39 -6.06
N TRP A 376 23.85 5.40 -6.68
CA TRP A 376 24.38 4.27 -5.94
C TRP A 376 25.69 4.60 -5.24
N GLY A 377 26.52 5.44 -5.87
CA GLY A 377 27.83 5.76 -5.35
C GLY A 377 28.98 5.26 -6.19
N SER A 378 28.70 4.49 -7.25
CA SER A 378 29.75 3.98 -8.12
C SER A 378 30.09 4.99 -9.20
N SER A 379 31.34 4.92 -9.66
CA SER A 379 31.82 5.77 -10.74
C SER A 379 32.41 4.89 -11.83
N GLY A 380 31.93 5.06 -13.05
CA GLY A 380 32.39 4.28 -14.16
C GLY A 380 31.67 2.94 -14.25
N PRO A 381 31.85 2.24 -15.36
CA PRO A 381 31.18 0.95 -15.55
C PRO A 381 31.84 -0.15 -14.73
N LEU A 382 31.04 -1.15 -14.37
CA LEU A 382 31.48 -2.23 -13.51
C LEU A 382 31.70 -3.50 -14.34
N CYS A 383 32.39 -4.46 -13.71
CA CYS A 383 32.75 -5.75 -14.32
C CYS A 383 33.62 -5.58 -15.56
N VAL A 384 34.24 -4.41 -15.73
CA VAL A 384 35.05 -4.15 -16.91
C VAL A 384 36.22 -5.12 -16.96
N SER A 385 36.36 -5.84 -18.06
CA SER A 385 37.44 -6.80 -18.27
C SER A 385 38.31 -6.34 -19.43
N PRO A 386 39.64 -6.36 -19.28
CA PRO A 386 40.50 -5.96 -20.40
C PRO A 386 40.37 -6.87 -21.62
N LYS A 387 39.82 -8.06 -21.46
CA LYS A 387 39.66 -8.97 -22.58
C LYS A 387 38.60 -8.51 -23.57
N TYR A 388 37.76 -7.56 -23.19
CA TYR A 388 36.63 -7.13 -24.03
C TYR A 388 36.69 -5.64 -24.37
N GLY A 389 36.91 -4.78 -23.38
CA GLY A 389 36.94 -3.36 -23.66
C GLY A 389 35.58 -2.84 -24.10
N CYS A 390 35.58 -2.01 -25.15
CA CYS A 390 34.34 -1.48 -25.69
C CYS A 390 33.60 -2.47 -26.59
N ASN A 391 34.20 -3.63 -26.87
CA ASN A 391 33.52 -4.62 -27.70
C ASN A 391 32.26 -5.12 -27.02
N PHE A 392 32.33 -5.36 -25.72
CA PHE A 392 31.20 -5.89 -24.97
C PHE A 392 30.30 -4.75 -24.52
N ASN A 393 29.03 -4.79 -24.96
CA ASN A 393 28.00 -3.80 -24.65
C ASN A 393 28.48 -2.36 -24.66
N ASN A 394 29.36 -2.03 -25.60
CA ASN A 394 29.91 -0.67 -25.72
C ASN A 394 30.54 -0.20 -24.41
N GLY A 395 31.07 -1.13 -23.63
CA GLY A 395 31.58 -0.80 -22.32
C GLY A 395 30.53 -0.31 -21.35
N GLY A 396 29.25 -0.61 -21.61
CA GLY A 396 28.18 -0.10 -20.78
C GLY A 396 28.09 1.40 -20.76
N CYS A 397 28.45 2.06 -21.86
CA CYS A 397 28.53 3.51 -21.93
C CYS A 397 27.25 4.08 -22.54
N HIS A 398 26.93 5.31 -22.15
CA HIS A 398 25.65 5.91 -22.56
C HIS A 398 25.57 6.06 -24.07
N GLN A 399 26.65 6.50 -24.70
CA GLN A 399 26.63 6.69 -26.15
C GLN A 399 27.96 6.31 -26.79
N ASP A 400 29.05 6.97 -26.40
CA ASP A 400 30.36 6.71 -26.97
C ASP A 400 31.24 5.99 -25.96
N CYS A 401 32.17 5.19 -26.48
CA CYS A 401 33.11 4.41 -25.67
C CYS A 401 34.51 4.65 -26.23
N PHE A 402 35.29 5.48 -25.54
CA PHE A 402 36.63 5.81 -26.00
C PHE A 402 37.58 4.64 -25.78
N GLU A 403 38.50 4.44 -26.72
CA GLU A 403 39.46 3.36 -26.63
C GLU A 403 40.75 3.83 -25.97
N GLY A 404 41.50 2.87 -25.43
CA GLY A 404 42.75 3.17 -24.78
C GLY A 404 43.47 1.94 -24.26
N GLY A 405 44.73 1.77 -24.67
CA GLY A 405 45.46 0.58 -24.26
C GLY A 405 44.90 -0.67 -24.92
N ASP A 406 44.87 -1.76 -24.17
CA ASP A 406 44.34 -3.03 -24.65
C ASP A 406 42.90 -3.27 -24.25
N GLY A 407 42.52 -2.90 -23.03
CA GLY A 407 41.17 -3.12 -22.55
C GLY A 407 40.63 -1.94 -21.78
N SER A 408 41.50 -1.00 -21.42
CA SER A 408 41.07 0.21 -20.75
C SER A 408 40.20 1.04 -21.67
N PHE A 409 39.30 1.82 -21.06
CA PHE A 409 38.39 2.66 -21.82
C PHE A 409 37.73 3.64 -20.87
N LEU A 410 36.98 4.57 -21.43
CA LEU A 410 36.20 5.52 -20.65
C LEU A 410 35.10 6.09 -21.54
N CYS A 411 33.88 6.16 -21.00
CA CYS A 411 32.75 6.63 -21.77
C CYS A 411 32.95 8.08 -22.21
N GLY A 412 32.47 8.38 -23.41
CA GLY A 412 32.65 9.69 -23.99
C GLY A 412 31.34 10.28 -24.46
N CYS A 413 31.37 11.59 -24.68
CA CYS A 413 30.20 12.35 -25.09
C CYS A 413 30.47 13.02 -26.43
N ARG A 414 29.48 12.97 -27.33
CA ARG A 414 29.59 13.68 -28.59
C ARG A 414 29.68 15.18 -28.33
N PRO A 415 30.29 15.94 -29.24
CA PRO A 415 30.44 17.38 -29.04
C PRO A 415 29.10 18.04 -28.71
N GLY A 416 29.09 18.82 -27.62
CA GLY A 416 27.89 19.42 -27.09
C GLY A 416 27.39 18.76 -25.82
N PHE A 417 27.70 17.48 -25.62
CA PHE A 417 27.30 16.75 -24.44
C PHE A 417 28.35 16.90 -23.35
N ARG A 418 28.07 16.31 -22.19
CA ARG A 418 28.95 16.42 -21.02
C ARG A 418 28.80 15.17 -20.18
N LEU A 419 29.93 14.58 -19.78
CA LEU A 419 29.91 13.37 -18.97
C LEU A 419 29.68 13.72 -17.51
N LEU A 420 28.83 12.93 -16.84
CA LEU A 420 28.47 13.18 -15.46
C LEU A 420 29.41 12.41 -14.53
N ASP A 421 29.15 12.54 -13.22
CA ASP A 421 30.00 11.89 -12.22
C ASP A 421 29.95 10.37 -12.32
N ASP A 422 28.89 9.80 -12.91
CA ASP A 422 28.82 8.36 -13.10
C ASP A 422 29.86 7.86 -14.09
N LEU A 423 30.54 8.75 -14.80
CA LEU A 423 31.54 8.41 -15.81
C LEU A 423 30.97 7.50 -16.91
N VAL A 424 29.65 7.56 -17.11
CA VAL A 424 28.99 6.73 -18.10
C VAL A 424 27.93 7.55 -18.82
N THR A 425 26.99 8.11 -18.06
CA THR A 425 25.86 8.81 -18.65
C THR A 425 26.28 10.16 -19.20
N CYS A 426 25.85 10.45 -20.43
CA CYS A 426 26.14 11.72 -21.09
C CYS A 426 24.93 12.65 -20.96
N ALA A 427 25.21 13.95 -20.95
CA ALA A 427 24.17 14.96 -20.85
C ALA A 427 24.63 16.23 -21.55
N SER A 428 23.81 16.74 -22.46
CA SER A 428 24.20 17.91 -23.24
C SER A 428 24.08 19.18 -22.41
N ARG A 429 24.85 20.19 -22.80
CA ARG A 429 24.70 21.51 -22.23
C ARG A 429 23.38 22.11 -22.70
N ASN A 430 23.26 22.38 -24.00
CA ASN A 430 22.01 22.76 -24.63
C ASN A 430 22.12 22.74 -26.15
N THR B 152 -33.67 3.46 16.99
CA THR B 152 -34.46 4.55 17.56
C THR B 152 -33.91 5.91 17.15
N GLU B 153 -33.83 6.83 18.10
CA GLU B 153 -33.27 8.14 17.82
C GLU B 153 -31.79 8.02 17.45
N ALA B 154 -31.30 9.05 16.77
CA ALA B 154 -29.91 9.05 16.31
C ALA B 154 -28.95 8.96 17.49
N VAL B 155 -28.06 7.98 17.45
CA VAL B 155 -27.14 7.71 18.55
C VAL B 155 -25.82 7.22 17.99
N VAL B 156 -24.73 7.73 18.53
CA VAL B 156 -23.38 7.33 18.16
C VAL B 156 -22.52 7.29 19.42
N CYS B 157 -21.82 6.18 19.62
CA CYS B 157 -21.01 5.96 20.82
C CYS B 157 -19.59 5.62 20.39
N VAL B 158 -18.71 6.62 20.38
CA VAL B 158 -17.30 6.44 20.03
C VAL B 158 -16.46 6.91 21.20
N GLY B 159 -15.36 6.20 21.45
CA GLY B 159 -14.49 6.57 22.56
C GLY B 159 -15.21 6.33 23.88
N THR B 160 -15.14 7.33 24.76
CA THR B 160 -15.85 7.30 26.03
C THR B 160 -17.04 8.27 26.02
N ALA B 161 -17.59 8.54 24.85
CA ALA B 161 -18.69 9.48 24.69
C ALA B 161 -19.80 8.85 23.86
N CYS B 162 -21.03 9.30 24.12
CA CYS B 162 -22.21 8.84 23.40
C CYS B 162 -23.03 10.05 23.00
N TYR B 163 -23.12 10.31 21.70
CA TYR B 163 -23.80 11.49 21.19
C TYR B 163 -25.18 11.10 20.67
N THR B 164 -26.19 11.89 21.03
CA THR B 164 -27.57 11.66 20.61
C THR B 164 -28.14 12.97 20.11
N ALA B 165 -28.65 12.97 18.88
CA ALA B 165 -29.28 14.13 18.28
C ALA B 165 -30.79 13.94 18.29
N HIS B 166 -31.51 14.89 18.88
CA HIS B 166 -32.96 14.81 19.01
C HIS B 166 -33.62 15.87 18.15
N SER B 167 -34.80 15.54 17.63
CA SER B 167 -35.60 16.46 16.81
C SER B 167 -36.61 17.16 17.71
N GLY B 168 -36.58 18.48 17.72
CA GLY B 168 -37.49 19.25 18.55
C GLY B 168 -37.11 20.71 18.65
N LYS B 169 -38.09 21.60 18.48
CA LYS B 169 -37.84 23.05 18.50
C LYS B 169 -37.90 23.52 19.95
N LEU B 170 -36.84 23.25 20.68
CA LEU B 170 -36.69 23.70 22.06
C LEU B 170 -35.74 24.88 22.13
N SER B 171 -35.74 25.55 23.29
CA SER B 171 -34.81 26.63 23.54
C SER B 171 -33.47 26.07 23.98
N ALA B 172 -32.51 26.97 24.20
CA ALA B 172 -31.18 26.53 24.65
C ALA B 172 -31.24 25.92 26.05
N ALA B 173 -32.16 26.40 26.89
CA ALA B 173 -32.29 25.85 28.24
C ALA B 173 -33.11 24.56 28.23
N GLU B 174 -34.14 24.51 27.39
CA GLU B 174 -34.95 23.28 27.29
C GLU B 174 -34.13 22.13 26.73
N ALA B 175 -33.24 22.42 25.78
CA ALA B 175 -32.36 21.37 25.24
C ALA B 175 -31.37 20.91 26.29
N GLN B 176 -30.89 21.83 27.13
CA GLN B 176 -29.92 21.47 28.16
C GLN B 176 -30.53 20.50 29.18
N ASN B 177 -31.82 20.62 29.46
CA ASN B 177 -32.41 19.78 30.49
C ASN B 177 -32.74 18.38 29.96
N HIS B 178 -33.23 18.28 28.73
CA HIS B 178 -33.52 16.97 28.16
C HIS B 178 -32.27 16.10 28.12
N CYS B 179 -31.09 16.70 27.92
CA CYS B 179 -29.85 15.95 28.05
C CYS B 179 -29.51 15.68 29.50
N ASN B 180 -29.84 16.61 30.40
CA ASN B 180 -29.61 16.37 31.83
C ASN B 180 -30.53 15.28 32.38
N GLN B 181 -31.75 15.18 31.84
CA GLN B 181 -32.69 14.17 32.31
C GLN B 181 -32.21 12.75 32.00
N ASN B 182 -31.32 12.58 31.03
CA ASN B 182 -30.79 11.28 30.68
C ASN B 182 -29.39 11.05 31.25
N GLY B 183 -28.91 11.96 32.09
CA GLY B 183 -27.62 11.81 32.73
C GLY B 183 -26.48 12.56 32.07
N GLY B 184 -26.69 13.08 30.85
CA GLY B 184 -25.67 13.78 30.12
C GLY B 184 -25.89 15.28 30.08
N ASN B 185 -25.28 15.92 29.08
CA ASN B 185 -25.42 17.34 28.85
C ASN B 185 -25.49 17.58 27.35
N LEU B 186 -25.62 18.85 26.96
CA LEU B 186 -25.64 19.20 25.55
C LEU B 186 -24.30 18.84 24.92
N ALA B 187 -24.35 18.39 23.67
CA ALA B 187 -23.16 17.87 23.01
C ALA B 187 -22.10 18.96 22.88
N THR B 188 -20.88 18.63 23.29
CA THR B 188 -19.75 19.53 23.21
C THR B 188 -18.87 19.13 22.03
N VAL B 189 -18.59 20.08 21.15
CA VAL B 189 -17.71 19.85 20.02
C VAL B 189 -16.38 20.53 20.34
N LYS B 190 -15.65 19.97 21.30
CA LYS B 190 -14.40 20.57 21.75
C LYS B 190 -13.21 20.18 20.88
N SER B 191 -13.40 19.33 19.88
CA SER B 191 -12.31 18.94 19.00
C SER B 191 -12.86 18.67 17.60
N LYS B 192 -11.94 18.52 16.65
CA LYS B 192 -12.34 18.20 15.28
C LYS B 192 -12.96 16.80 15.21
N GLU B 193 -12.49 15.86 16.03
CA GLU B 193 -13.04 14.52 16.03
C GLU B 193 -14.49 14.52 16.51
N GLU B 194 -14.80 15.31 17.54
CA GLU B 194 -16.17 15.43 17.99
C GLU B 194 -17.07 15.98 16.91
N ALA B 195 -16.55 16.87 16.06
CA ALA B 195 -17.35 17.42 14.98
C ALA B 195 -17.75 16.33 13.99
N GLN B 196 -16.83 15.41 13.69
CA GLN B 196 -17.16 14.32 12.78
C GLN B 196 -18.23 13.42 13.36
N HIS B 197 -18.14 13.11 14.66
CA HIS B 197 -19.14 12.27 15.31
C HIS B 197 -20.50 12.98 15.34
N VAL B 198 -20.52 14.24 15.78
CA VAL B 198 -21.78 14.98 15.86
C VAL B 198 -22.39 15.13 14.47
N GLN B 199 -21.57 15.40 13.46
CA GLN B 199 -22.07 15.44 12.09
C GLN B 199 -22.66 14.10 11.68
N ARG B 200 -22.13 13.00 12.22
CA ARG B 200 -22.65 11.69 11.87
C ARG B 200 -23.98 11.43 12.56
N VAL B 201 -24.12 11.86 13.82
CA VAL B 201 -25.38 11.67 14.53
C VAL B 201 -26.49 12.45 13.85
N LEU B 202 -26.22 13.70 13.49
CA LEU B 202 -27.21 14.50 12.77
C LEU B 202 -27.58 13.85 11.44
N ALA B 203 -26.58 13.27 10.75
CA ALA B 203 -26.86 12.62 9.48
C ALA B 203 -27.81 11.44 9.64
N GLN B 204 -27.60 10.64 10.69
CA GLN B 204 -28.52 9.53 10.95
C GLN B 204 -29.92 10.02 11.27
N LEU B 205 -30.03 11.19 11.89
CA LEU B 205 -31.36 11.71 12.23
C LEU B 205 -32.09 12.21 10.99
N LEU B 206 -31.37 12.74 10.00
CA LEU B 206 -32.02 13.24 8.80
C LEU B 206 -32.45 12.11 7.87
N ARG B 207 -31.60 11.09 7.70
CA ARG B 207 -31.98 9.94 6.89
C ARG B 207 -33.18 9.20 7.47
N ARG B 208 -33.43 9.34 8.78
CA ARG B 208 -34.57 8.73 9.44
C ARG B 208 -35.72 9.70 9.62
N GLU B 209 -35.69 10.83 8.90
CA GLU B 209 -36.76 11.83 8.99
C GLU B 209 -37.18 12.30 7.60
N ARG B 215 -32.84 23.18 2.92
CA ARG B 215 -33.40 24.01 3.98
C ARG B 215 -32.38 24.22 5.10
N MET B 216 -32.31 25.45 5.61
CA MET B 216 -31.41 25.75 6.71
C MET B 216 -31.89 25.10 8.00
N SER B 217 -30.94 24.78 8.87
CA SER B 217 -31.25 24.11 10.12
C SER B 217 -30.24 24.51 11.18
N LYS B 218 -30.70 24.57 12.43
CA LYS B 218 -29.85 24.90 13.57
C LYS B 218 -30.16 23.93 14.71
N PHE B 219 -29.10 23.54 15.43
CA PHE B 219 -29.23 22.56 16.51
C PHE B 219 -28.39 23.01 17.70
N TRP B 220 -29.01 23.02 18.88
CA TRP B 220 -28.33 23.50 20.08
C TRP B 220 -27.16 22.60 20.44
N ILE B 221 -26.10 23.22 20.97
CA ILE B 221 -24.95 22.49 21.47
C ILE B 221 -24.62 22.98 22.87
N GLY B 222 -23.44 22.61 23.38
CA GLY B 222 -23.05 22.96 24.73
C GLY B 222 -22.16 24.18 24.83
N LEU B 223 -22.16 25.02 23.80
CA LEU B 223 -21.32 26.22 23.78
C LEU B 223 -22.18 27.45 24.03
N GLN B 224 -21.71 28.33 24.91
CA GLN B 224 -22.42 29.56 25.23
C GLN B 224 -21.45 30.53 25.89
N ARG B 225 -21.77 31.81 25.80
CA ARG B 225 -21.00 32.86 26.45
C ARG B 225 -21.71 33.27 27.73
N GLU B 226 -20.98 33.27 28.85
CA GLU B 226 -21.57 33.45 30.16
C GLU B 226 -21.99 34.91 30.36
N LYS B 227 -23.30 35.14 30.39
CA LYS B 227 -23.90 36.44 30.74
C LYS B 227 -23.35 37.49 29.79
N GLY B 228 -22.94 38.66 30.25
CA GLY B 228 -22.45 39.71 29.38
C GLY B 228 -20.95 39.70 29.18
N LYS B 229 -20.33 38.54 29.30
CA LYS B 229 -18.90 38.42 29.03
C LYS B 229 -18.62 38.69 27.56
N CYS B 230 -17.64 39.55 27.29
CA CYS B 230 -17.36 39.92 25.91
C CYS B 230 -16.45 38.89 25.25
N LEU B 231 -16.53 38.84 23.92
CA LEU B 231 -15.83 37.83 23.14
C LEU B 231 -14.47 38.34 22.69
N ASP B 232 -13.48 37.44 22.70
CA ASP B 232 -12.11 37.75 22.35
C ASP B 232 -11.52 36.50 21.74
N PRO B 233 -10.93 36.58 20.53
CA PRO B 233 -10.32 35.39 19.93
C PRO B 233 -9.25 34.75 20.82
N SER B 234 -8.41 35.57 21.44
CA SER B 234 -7.37 35.09 22.36
C SER B 234 -6.47 34.03 21.73
N LYS B 238 -13.28 31.25 22.11
CA LYS B 238 -13.37 32.70 21.95
C LYS B 238 -14.46 33.27 22.84
N GLY B 239 -14.23 33.24 24.15
CA GLY B 239 -15.20 33.74 25.10
C GLY B 239 -16.30 32.74 25.41
N PHE B 240 -16.70 31.97 24.42
CA PHE B 240 -17.75 30.96 24.58
C PHE B 240 -17.20 29.74 25.31
N SER B 241 -17.71 29.47 26.49
CA SER B 241 -17.32 28.31 27.27
C SER B 241 -18.29 27.15 27.03
N TRP B 242 -17.88 25.97 27.46
CA TRP B 242 -18.71 24.77 27.30
C TRP B 242 -19.61 24.59 28.52
N VAL B 243 -20.64 23.76 28.34
CA VAL B 243 -21.58 23.50 29.43
C VAL B 243 -20.89 22.85 30.62
N GLY B 244 -19.93 21.97 30.34
CA GLY B 244 -19.17 21.34 31.40
C GLY B 244 -17.68 21.44 31.18
N GLY B 245 -17.27 22.43 30.39
CA GLY B 245 -15.87 22.64 30.08
C GLY B 245 -15.57 24.11 29.85
N GLY B 246 -14.32 24.38 29.49
CA GLY B 246 -13.85 25.73 29.26
C GLY B 246 -13.40 25.95 27.84
N GLU B 247 -12.87 27.16 27.60
CA GLU B 247 -12.43 27.57 26.27
C GLU B 247 -11.08 26.97 25.87
N ASP B 248 -10.65 25.90 26.52
CA ASP B 248 -9.42 25.21 26.13
C ASP B 248 -9.55 24.44 24.83
N THR B 249 -10.70 24.51 24.17
CA THR B 249 -10.88 23.79 22.91
C THR B 249 -10.01 24.42 21.82
N PRO B 250 -9.34 23.62 21.01
CA PRO B 250 -8.51 24.17 19.93
C PRO B 250 -9.21 24.20 18.59
N TYR B 251 -10.36 23.54 18.48
CA TYR B 251 -11.08 23.41 17.22
C TYR B 251 -12.25 24.38 17.17
N SER B 252 -12.51 24.90 15.97
CA SER B 252 -13.59 25.87 15.76
C SER B 252 -13.96 25.87 14.29
N ASN B 253 -15.21 26.26 14.01
CA ASN B 253 -15.71 26.30 12.63
C ASN B 253 -16.98 27.15 12.65
N TRP B 254 -16.85 28.42 12.28
CA TRP B 254 -17.96 29.36 12.27
C TRP B 254 -18.14 29.91 10.87
N HIS B 255 -19.38 29.90 10.37
CA HIS B 255 -19.66 30.52 9.08
C HIS B 255 -19.68 32.03 9.17
N LYS B 256 -20.11 32.56 10.31
CA LYS B 256 -20.19 34.01 10.50
C LYS B 256 -19.92 34.31 11.97
N GLU B 257 -18.81 34.98 12.24
CA GLU B 257 -18.44 35.38 13.60
C GLU B 257 -18.58 36.89 13.78
N LEU B 258 -19.44 37.52 12.98
CA LEU B 258 -19.58 38.98 13.02
C LEU B 258 -20.17 39.44 14.34
N ARG B 259 -21.26 38.81 14.77
CA ARG B 259 -21.93 39.23 16.00
C ARG B 259 -21.03 39.00 17.21
N ASN B 260 -20.76 40.07 17.96
CA ASN B 260 -19.88 39.98 19.12
C ASN B 260 -20.34 40.86 20.27
N SER B 261 -21.56 41.39 20.23
CA SER B 261 -22.05 42.23 21.32
C SER B 261 -22.23 41.42 22.59
N CYS B 262 -21.71 41.94 23.70
CA CYS B 262 -21.83 41.30 25.00
C CYS B 262 -22.95 41.89 25.84
N ILE B 263 -23.99 42.42 25.19
CA ILE B 263 -25.11 43.00 25.93
C ILE B 263 -25.85 41.92 26.70
N SER B 264 -25.95 40.72 26.12
CA SER B 264 -26.64 39.61 26.76
C SER B 264 -25.88 38.32 26.45
N LYS B 265 -26.31 37.24 27.10
CA LYS B 265 -25.69 35.95 26.91
C LYS B 265 -25.94 35.45 25.49
N ARG B 266 -24.88 35.01 24.82
CA ARG B 266 -24.95 34.54 23.44
C ARG B 266 -24.88 33.02 23.42
N CYS B 267 -25.76 32.39 22.66
CA CYS B 267 -25.83 30.94 22.54
C CYS B 267 -25.34 30.52 21.17
N VAL B 268 -25.06 29.22 21.03
CA VAL B 268 -24.49 28.65 19.80
C VAL B 268 -25.36 27.51 19.32
N SER B 269 -25.51 27.41 17.99
CA SER B 269 -26.24 26.31 17.36
C SER B 269 -25.54 25.94 16.06
N LEU B 270 -25.56 24.66 15.74
CA LEU B 270 -24.87 24.16 14.55
C LEU B 270 -25.67 24.48 13.30
N LEU B 271 -25.04 25.16 12.34
CA LEU B 271 -25.66 25.49 11.08
C LEU B 271 -25.51 24.32 10.10
N LEU B 272 -26.62 23.88 9.53
CA LEU B 272 -26.63 22.78 8.57
C LEU B 272 -27.62 23.10 7.47
N ASP B 273 -27.33 22.59 6.27
CA ASP B 273 -28.16 22.80 5.09
C ASP B 273 -28.71 21.47 4.62
N LEU B 274 -30.04 21.36 4.57
CA LEU B 274 -30.68 20.13 4.13
C LEU B 274 -30.48 19.86 2.65
N SER B 275 -30.23 20.90 1.85
CA SER B 275 -30.03 20.71 0.42
C SER B 275 -28.76 19.95 0.12
N GLN B 276 -27.66 20.29 0.79
CA GLN B 276 -26.39 19.62 0.54
C GLN B 276 -26.24 18.43 1.48
N PRO B 277 -25.86 17.26 0.97
CA PRO B 277 -25.62 16.12 1.86
C PRO B 277 -24.44 16.37 2.79
N LEU B 278 -24.49 15.72 3.94
CA LEU B 278 -23.48 15.92 4.97
C LEU B 278 -22.17 15.24 4.56
N LEU B 279 -21.16 16.05 4.26
CA LEU B 279 -19.84 15.51 3.94
C LEU B 279 -18.99 15.44 5.19
N PRO B 280 -18.30 14.33 5.44
CA PRO B 280 -17.43 14.25 6.63
C PRO B 280 -16.41 15.38 6.73
N SER B 281 -16.01 15.96 5.59
CA SER B 281 -15.11 17.10 5.61
C SER B 281 -15.85 18.43 5.75
N ARG B 282 -17.07 18.53 5.21
CA ARG B 282 -17.86 19.75 5.31
C ARG B 282 -18.68 19.70 6.61
N LEU B 283 -17.99 19.88 7.72
CA LEU B 283 -18.63 19.84 9.03
C LEU B 283 -19.53 21.06 9.22
N PRO B 284 -20.52 20.95 10.10
CA PRO B 284 -21.45 22.07 10.31
C PRO B 284 -20.72 23.27 10.89
N LYS B 285 -20.99 24.44 10.31
CA LYS B 285 -20.42 25.67 10.83
C LYS B 285 -21.20 26.13 12.06
N TRP B 286 -20.48 26.65 13.04
CA TRP B 286 -21.09 27.10 14.28
C TRP B 286 -21.71 28.48 14.07
N SER B 287 -22.94 28.65 14.54
CA SER B 287 -23.67 29.91 14.41
C SER B 287 -24.19 30.33 15.77
N GLU B 288 -24.08 31.62 16.07
CA GLU B 288 -24.53 32.16 17.34
C GLU B 288 -25.76 33.03 17.15
N GLY B 289 -26.57 33.11 18.21
CA GLY B 289 -27.78 33.88 18.18
C GLY B 289 -28.45 33.94 19.54
N PRO B 290 -29.76 34.17 19.55
CA PRO B 290 -30.49 34.22 20.83
C PRO B 290 -30.70 32.84 21.42
N CYS B 291 -30.62 32.76 22.75
CA CYS B 291 -30.82 31.50 23.44
C CYS B 291 -32.27 31.03 23.41
N GLY B 292 -33.21 31.89 23.06
CA GLY B 292 -34.60 31.52 22.97
C GLY B 292 -35.32 31.60 24.31
N SER B 293 -36.64 31.67 24.24
CA SER B 293 -37.52 31.75 25.39
C SER B 293 -38.46 30.55 25.40
N PRO B 294 -39.00 30.19 26.58
CA PRO B 294 -40.00 29.11 26.62
C PRO B 294 -41.20 29.42 25.73
N GLY B 295 -41.35 28.68 24.64
CA GLY B 295 -42.34 28.95 23.63
C GLY B 295 -41.81 29.70 22.42
N SER B 296 -40.66 30.36 22.55
CA SER B 296 -40.00 31.06 21.46
C SER B 296 -38.57 30.54 21.37
N PRO B 297 -38.36 29.40 20.72
CA PRO B 297 -37.02 28.79 20.70
C PRO B 297 -36.04 29.51 19.80
N GLY B 298 -36.47 30.52 19.05
CA GLY B 298 -35.60 31.16 18.08
C GLY B 298 -35.78 30.58 16.70
N SER B 299 -35.70 31.42 15.67
CA SER B 299 -35.92 30.97 14.30
C SER B 299 -34.83 30.00 13.87
N ASN B 300 -35.18 29.11 12.93
CA ASN B 300 -34.31 28.13 12.29
C ASN B 300 -33.82 27.05 13.24
N ILE B 301 -34.20 27.08 14.52
CA ILE B 301 -33.85 26.02 15.45
C ILE B 301 -34.72 24.81 15.17
N GLU B 302 -34.10 23.66 14.95
CA GLU B 302 -34.81 22.42 14.63
C GLU B 302 -34.63 21.32 15.66
N GLY B 303 -33.51 21.28 16.37
CA GLY B 303 -33.28 20.25 17.36
C GLY B 303 -32.08 20.52 18.25
N PHE B 304 -31.48 19.45 18.78
CA PHE B 304 -30.32 19.58 19.65
C PHE B 304 -29.61 18.23 19.69
N VAL B 305 -28.37 18.25 20.18
CA VAL B 305 -27.56 17.06 20.31
C VAL B 305 -27.07 16.96 21.74
N CYS B 306 -27.19 15.78 22.34
CA CYS B 306 -26.70 15.55 23.70
C CYS B 306 -25.42 14.73 23.66
N LYS B 307 -24.72 14.72 24.78
CA LYS B 307 -23.49 13.97 24.94
C LYS B 307 -23.51 13.22 26.27
N PHE B 308 -23.00 12.00 26.25
CA PHE B 308 -22.98 11.14 27.45
C PHE B 308 -21.59 10.54 27.59
N SER B 309 -20.87 10.96 28.63
CA SER B 309 -19.56 10.40 28.95
C SER B 309 -19.70 9.36 30.03
N PHE B 310 -18.87 8.31 29.95
CA PHE B 310 -18.98 7.16 30.83
C PHE B 310 -17.61 6.81 31.40
N LYS B 311 -17.61 5.88 32.35
CA LYS B 311 -16.37 5.37 32.93
C LYS B 311 -15.77 4.24 32.14
N GLY B 312 -16.55 3.57 31.29
CA GLY B 312 -16.04 2.48 30.48
C GLY B 312 -16.98 2.15 29.35
N MET B 313 -16.44 1.46 28.35
CA MET B 313 -17.20 1.08 27.16
C MET B 313 -16.94 -0.38 26.85
N CYS B 314 -18.00 -1.19 26.88
CA CYS B 314 -17.92 -2.55 26.38
C CYS B 314 -17.91 -2.55 24.85
N ARG B 315 -17.69 -3.72 24.27
CA ARG B 315 -17.58 -3.87 22.83
C ARG B 315 -18.83 -4.49 22.24
N PRO B 316 -19.11 -4.24 20.96
CA PRO B 316 -20.24 -4.89 20.32
C PRO B 316 -20.11 -6.41 20.34
N LEU B 317 -21.14 -7.08 20.85
CA LEU B 317 -21.11 -8.53 20.96
C LEU B 317 -21.03 -9.17 19.58
N ALA B 318 -20.02 -10.00 19.37
CA ALA B 318 -19.82 -10.65 18.08
C ALA B 318 -20.86 -11.73 17.87
N LEU B 319 -21.40 -11.79 16.65
CA LEU B 319 -22.41 -12.77 16.27
C LEU B 319 -21.82 -13.72 15.23
N GLY B 320 -21.66 -14.98 15.59
CA GLY B 320 -21.23 -16.01 14.68
C GLY B 320 -22.34 -16.64 13.87
N GLY B 321 -23.57 -16.17 14.05
CA GLY B 321 -24.70 -16.69 13.32
C GLY B 321 -25.86 -15.72 13.31
N PRO B 322 -26.98 -16.13 12.70
CA PRO B 322 -28.13 -15.23 12.60
C PRO B 322 -28.72 -14.90 13.97
N GLY B 323 -28.68 -13.61 14.30
CA GLY B 323 -29.19 -13.16 15.58
C GLY B 323 -29.31 -11.65 15.60
N GLN B 324 -29.99 -11.15 16.64
CA GLN B 324 -30.21 -9.73 16.81
C GLN B 324 -29.96 -9.36 18.27
N VAL B 325 -29.08 -8.40 18.49
CA VAL B 325 -28.70 -7.95 19.83
C VAL B 325 -29.30 -6.56 20.05
N THR B 326 -30.08 -6.42 21.11
CA THR B 326 -30.69 -5.15 21.47
C THR B 326 -29.89 -4.55 22.63
N TYR B 327 -29.13 -3.50 22.34
CA TYR B 327 -28.30 -2.84 23.33
C TYR B 327 -29.12 -1.76 24.04
N THR B 328 -29.18 -1.84 25.37
CA THR B 328 -29.92 -0.90 26.19
C THR B 328 -28.91 -0.03 26.94
N THR B 329 -28.67 1.17 26.42
CA THR B 329 -27.74 2.09 27.06
C THR B 329 -28.34 2.62 28.36
N PRO B 330 -27.51 3.18 29.25
CA PRO B 330 -28.05 3.79 30.48
C PRO B 330 -29.05 4.90 30.20
N PHE B 331 -28.76 5.77 29.23
CA PHE B 331 -29.76 6.75 28.82
C PHE B 331 -30.88 6.05 28.05
N GLN B 332 -31.99 6.77 27.84
CA GLN B 332 -33.18 6.17 27.28
C GLN B 332 -32.95 5.57 25.90
N THR B 333 -31.96 6.05 25.16
CA THR B 333 -31.70 5.53 23.82
C THR B 333 -31.28 4.07 23.88
N THR B 334 -31.88 3.26 23.00
CA THR B 334 -31.51 1.87 22.82
C THR B 334 -31.40 1.59 21.33
N SER B 335 -30.34 0.87 20.93
CA SER B 335 -30.08 0.61 19.53
C SER B 335 -29.53 -0.81 19.38
N SER B 336 -29.23 -1.17 18.13
CA SER B 336 -28.65 -2.46 17.81
C SER B 336 -27.42 -2.33 16.90
N SER B 337 -26.89 -1.12 16.73
CA SER B 337 -25.75 -0.87 15.85
C SER B 337 -24.86 0.18 16.52
N LEU B 338 -24.19 -0.22 17.60
CA LEU B 338 -23.29 0.66 18.33
C LEU B 338 -21.84 0.25 18.06
N GLU B 339 -20.97 1.24 17.92
CA GLU B 339 -19.54 0.95 17.80
C GLU B 339 -18.92 0.67 19.17
N ALA B 340 -19.36 1.40 20.19
CA ALA B 340 -19.01 1.12 21.57
C ALA B 340 -20.29 1.08 22.40
N VAL B 341 -20.28 0.27 23.44
CA VAL B 341 -21.44 0.10 24.31
C VAL B 341 -21.07 0.65 25.68
N PRO B 342 -21.80 1.62 26.20
CA PRO B 342 -21.41 2.26 27.47
C PRO B 342 -21.51 1.30 28.64
N PHE B 343 -20.93 1.74 29.76
CA PHE B 343 -20.92 0.93 30.98
C PHE B 343 -22.32 0.71 31.50
N ALA B 344 -22.52 -0.42 32.16
CA ALA B 344 -23.79 -0.78 32.79
C ALA B 344 -24.93 -0.85 31.78
N SER B 345 -24.60 -1.15 30.52
CA SER B 345 -25.60 -1.31 29.49
C SER B 345 -26.05 -2.76 29.42
N ALA B 346 -27.31 -2.95 29.01
CA ALA B 346 -27.90 -4.27 28.90
C ALA B 346 -28.03 -4.66 27.43
N ALA B 347 -27.64 -5.88 27.10
CA ALA B 347 -27.75 -6.40 25.75
C ALA B 347 -28.56 -7.69 25.79
N ASN B 348 -29.56 -7.78 24.90
CA ASN B 348 -30.40 -8.97 24.78
C ASN B 348 -30.16 -9.56 23.40
N VAL B 349 -29.48 -10.70 23.36
CA VAL B 349 -29.12 -11.35 22.10
C VAL B 349 -30.20 -12.36 21.73
N ALA B 350 -30.85 -12.13 20.59
CA ALA B 350 -31.92 -13.02 20.12
C ALA B 350 -31.36 -13.88 18.99
N CYS B 351 -30.71 -14.98 19.38
CA CYS B 351 -30.15 -15.92 18.41
C CYS B 351 -31.28 -16.73 17.80
N GLY B 352 -31.65 -16.39 16.56
CA GLY B 352 -32.72 -17.10 15.89
C GLY B 352 -32.82 -16.68 14.45
N GLU B 353 -33.69 -17.38 13.72
CA GLU B 353 -33.91 -17.14 12.30
C GLU B 353 -32.62 -17.23 11.50
N GLU B 358 -38.60 -21.78 19.22
CA GLU B 358 -38.54 -20.50 19.90
C GLU B 358 -37.14 -19.89 19.80
N THR B 359 -37.08 -18.57 19.79
CA THR B 359 -35.79 -17.88 19.69
C THR B 359 -34.99 -18.08 20.96
N GLN B 360 -33.72 -18.49 20.80
CA GLN B 360 -32.83 -18.73 21.93
C GLN B 360 -32.26 -17.40 22.39
N SER B 361 -33.08 -16.64 23.10
CA SER B 361 -32.69 -15.31 23.56
C SER B 361 -31.77 -15.41 24.77
N HIS B 362 -30.75 -14.53 24.79
CA HIS B 362 -29.80 -14.46 25.89
C HIS B 362 -29.70 -13.01 26.37
N TYR B 363 -29.38 -12.86 27.66
CA TYR B 363 -29.39 -11.58 28.33
C TYR B 363 -28.02 -11.33 28.95
N PHE B 364 -27.42 -10.19 28.60
CA PHE B 364 -26.09 -9.82 29.08
C PHE B 364 -26.12 -8.42 29.65
N LEU B 365 -25.04 -8.07 30.37
CA LEU B 365 -24.92 -6.76 31.00
C LEU B 365 -23.45 -6.38 31.06
N CYS B 366 -23.15 -5.16 30.62
CA CYS B 366 -21.77 -4.68 30.61
C CYS B 366 -21.32 -4.40 32.04
N LYS B 367 -20.33 -5.16 32.51
CA LYS B 367 -19.89 -5.11 33.90
C LYS B 367 -18.44 -4.67 33.97
N GLU B 368 -18.03 -4.24 35.17
CA GLU B 368 -16.65 -3.90 35.46
C GLU B 368 -16.01 -5.11 36.14
N LYS B 369 -15.41 -6.00 35.33
CA LYS B 369 -14.77 -7.19 35.88
C LYS B 369 -13.53 -6.81 36.69
N ALA B 370 -12.62 -6.06 36.09
CA ALA B 370 -11.39 -5.60 36.73
C ALA B 370 -11.28 -4.10 36.52
N PRO B 371 -10.37 -3.43 37.26
CA PRO B 371 -10.16 -1.99 37.05
C PRO B 371 -9.89 -1.64 35.58
N ASP B 372 -10.74 -0.79 35.02
CA ASP B 372 -10.68 -0.37 33.61
C ASP B 372 -10.77 -1.56 32.67
N VAL B 373 -11.45 -2.63 33.10
CA VAL B 373 -11.71 -3.81 32.29
C VAL B 373 -13.22 -4.02 32.28
N PHE B 374 -13.85 -3.82 31.13
CA PHE B 374 -15.30 -3.89 30.99
C PHE B 374 -15.64 -4.93 29.93
N ASP B 375 -15.88 -6.16 30.37
CA ASP B 375 -16.31 -7.24 29.49
C ASP B 375 -17.71 -7.67 29.88
N TRP B 376 -18.45 -8.19 28.90
CA TRP B 376 -19.81 -8.66 29.14
C TRP B 376 -19.86 -9.92 30.00
N GLY B 377 -18.72 -10.52 30.32
CA GLY B 377 -18.69 -11.86 30.83
C GLY B 377 -18.89 -12.93 29.78
N SER B 378 -19.00 -12.54 28.52
CA SER B 378 -19.20 -13.48 27.43
C SER B 378 -17.88 -14.16 27.06
N SER B 379 -18.00 -15.19 26.22
CA SER B 379 -16.83 -15.94 25.77
C SER B 379 -17.13 -16.45 24.37
N GLY B 380 -16.41 -15.94 23.38
CA GLY B 380 -16.56 -16.38 22.02
C GLY B 380 -17.77 -15.76 21.34
N PRO B 381 -17.92 -16.01 20.05
CA PRO B 381 -19.05 -15.44 19.32
C PRO B 381 -20.37 -16.10 19.71
N LEU B 382 -21.45 -15.39 19.43
CA LEU B 382 -22.79 -15.81 19.80
C LEU B 382 -23.58 -16.24 18.58
N CYS B 383 -24.69 -16.94 18.84
CA CYS B 383 -25.58 -17.45 17.80
C CYS B 383 -24.89 -18.39 16.84
N VAL B 384 -23.78 -19.00 17.27
CA VAL B 384 -23.04 -19.91 16.41
C VAL B 384 -23.92 -21.09 16.01
N SER B 385 -24.02 -21.34 14.71
CA SER B 385 -24.85 -22.41 14.17
C SER B 385 -24.00 -23.37 13.36
N PRO B 386 -24.02 -24.67 13.67
CA PRO B 386 -23.28 -25.63 12.83
C PRO B 386 -23.77 -25.65 11.39
N LYS B 387 -25.04 -25.32 11.15
CA LYS B 387 -25.53 -25.22 9.79
C LYS B 387 -24.75 -24.16 9.00
N TYR B 388 -24.29 -23.12 9.68
CA TYR B 388 -23.52 -22.04 9.05
C TYR B 388 -22.03 -22.20 9.24
N GLY B 389 -21.59 -22.48 10.47
CA GLY B 389 -20.16 -22.56 10.74
C GLY B 389 -19.51 -21.19 10.61
N CYS B 390 -18.36 -21.15 9.95
CA CYS B 390 -17.70 -19.88 9.68
C CYS B 390 -18.28 -19.16 8.47
N ASN B 391 -19.16 -19.82 7.71
CA ASN B 391 -19.66 -19.22 6.48
C ASN B 391 -20.49 -17.97 6.74
N PHE B 392 -21.09 -17.87 7.91
CA PHE B 392 -21.89 -16.70 8.28
C PHE B 392 -21.05 -15.77 9.14
N ASN B 393 -20.85 -14.53 8.66
CA ASN B 393 -20.19 -13.47 9.41
C ASN B 393 -18.76 -13.84 9.80
N ASN B 394 -18.14 -14.77 9.08
CA ASN B 394 -16.80 -15.28 9.40
C ASN B 394 -16.74 -15.76 10.84
N GLY B 395 -17.86 -16.30 11.33
CA GLY B 395 -17.97 -16.68 12.72
C GLY B 395 -17.87 -15.52 13.68
N GLY B 396 -18.07 -14.30 13.22
CA GLY B 396 -17.99 -13.13 14.07
C GLY B 396 -16.59 -12.84 14.60
N CYS B 397 -15.58 -13.53 14.12
CA CYS B 397 -14.23 -13.34 14.62
C CYS B 397 -13.66 -12.00 14.16
N HIS B 398 -12.83 -11.39 15.01
CA HIS B 398 -12.26 -10.09 14.69
C HIS B 398 -11.18 -10.19 13.62
N GLN B 399 -10.49 -11.32 13.53
CA GLN B 399 -9.40 -11.48 12.56
C GLN B 399 -9.74 -12.56 11.55
N ASP B 400 -9.75 -13.84 11.95
CA ASP B 400 -10.06 -14.91 11.01
C ASP B 400 -10.60 -16.11 11.77
N CYS B 401 -11.21 -17.03 11.03
CA CYS B 401 -11.84 -18.22 11.58
C CYS B 401 -10.88 -19.40 11.51
N PHE B 402 -10.81 -20.15 12.60
CA PHE B 402 -10.02 -21.39 12.65
C PHE B 402 -11.00 -22.56 12.57
N GLU B 403 -11.10 -23.16 11.39
CA GLU B 403 -12.11 -24.18 11.16
C GLU B 403 -11.78 -25.46 11.91
N GLY B 404 -12.82 -26.12 12.41
CA GLY B 404 -12.66 -27.39 13.09
C GLY B 404 -13.59 -28.46 12.55
N GLY B 405 -13.78 -29.53 13.30
CA GLY B 405 -14.65 -30.61 12.86
C GLY B 405 -16.11 -30.20 12.75
N ASP B 406 -16.72 -30.47 11.60
CA ASP B 406 -18.12 -30.16 11.31
C ASP B 406 -18.29 -28.64 11.44
N GLY B 407 -19.44 -28.16 11.93
CA GLY B 407 -19.65 -26.74 12.09
C GLY B 407 -18.91 -26.12 13.24
N SER B 408 -18.22 -26.93 14.06
CA SER B 408 -17.46 -26.39 15.17
C SER B 408 -16.27 -25.59 14.66
N PHE B 409 -16.00 -24.47 15.33
CA PHE B 409 -14.90 -23.59 14.97
C PHE B 409 -14.50 -22.79 16.20
N LEU B 410 -13.43 -22.02 16.04
CA LEU B 410 -12.93 -21.20 17.14
C LEU B 410 -12.18 -20.02 16.54
N CYS B 411 -12.39 -18.84 17.10
CA CYS B 411 -11.75 -17.64 16.57
C CYS B 411 -10.26 -17.64 16.85
N GLY B 412 -9.48 -17.18 15.86
CA GLY B 412 -8.05 -17.16 15.97
C GLY B 412 -7.47 -15.82 15.51
N CYS B 413 -6.14 -15.77 15.50
CA CYS B 413 -5.42 -14.56 15.10
C CYS B 413 -4.39 -14.85 14.03
N ARG B 414 -3.58 -13.85 13.71
CA ARG B 414 -2.44 -13.97 12.82
C ARG B 414 -1.15 -14.06 13.64
N PRO B 415 -0.08 -14.63 13.07
CA PRO B 415 1.12 -14.94 13.87
C PRO B 415 1.68 -13.79 14.70
N GLY B 416 1.29 -12.56 14.38
CA GLY B 416 1.71 -11.43 15.17
C GLY B 416 0.74 -11.00 16.25
N PHE B 417 -0.38 -11.68 16.40
CA PHE B 417 -1.43 -11.27 17.33
C PHE B 417 -1.79 -12.42 18.27
N ARG B 418 -2.47 -12.06 19.35
CA ARG B 418 -2.94 -13.01 20.34
C ARG B 418 -4.43 -12.81 20.57
N LEU B 419 -5.13 -13.90 20.90
CA LEU B 419 -6.56 -13.83 21.15
C LEU B 419 -6.82 -13.26 22.54
N LEU B 420 -7.96 -12.61 22.68
CA LEU B 420 -8.32 -11.93 23.92
C LEU B 420 -9.27 -12.79 24.74
N ASP B 421 -9.65 -12.28 25.91
CA ASP B 421 -10.48 -13.05 26.83
C ASP B 421 -11.89 -13.25 26.27
N ASP B 422 -12.36 -12.35 25.42
CA ASP B 422 -13.65 -12.53 24.77
C ASP B 422 -13.62 -13.55 23.65
N LEU B 423 -12.46 -14.15 23.38
CA LEU B 423 -12.30 -15.23 22.40
C LEU B 423 -12.73 -14.81 21.00
N VAL B 424 -12.61 -13.52 20.69
CA VAL B 424 -12.98 -13.00 19.38
C VAL B 424 -11.96 -11.97 18.93
N THR B 425 -11.70 -10.99 19.77
CA THR B 425 -10.80 -9.91 19.42
C THR B 425 -9.34 -10.36 19.52
N CYS B 426 -8.50 -9.76 18.69
CA CYS B 426 -7.08 -10.06 18.63
C CYS B 426 -6.29 -8.79 18.91
N ALA B 427 -5.20 -8.92 19.67
CA ALA B 427 -4.33 -7.81 19.97
C ALA B 427 -2.89 -8.18 19.63
N SER B 428 -2.06 -7.17 19.39
CA SER B 428 -0.70 -7.38 18.95
C SER B 428 0.12 -8.04 20.06
N ARG B 429 1.03 -8.92 19.67
CA ARG B 429 1.94 -9.59 20.60
C ARG B 429 3.23 -8.78 20.67
N ASN B 430 3.32 -7.89 21.64
CA ASN B 430 4.50 -7.07 21.84
C ASN B 430 4.81 -6.88 23.32
N THR C 10 -15.04 -30.95 32.64
CA THR C 10 -15.15 -29.50 32.57
C THR C 10 -13.77 -28.87 32.48
N CYS C 11 -13.66 -27.62 32.94
CA CYS C 11 -12.43 -26.85 32.84
C CYS C 11 -12.15 -26.19 34.18
N GLY C 12 -10.93 -26.32 34.66
CA GLY C 12 -10.52 -25.70 35.90
C GLY C 12 -10.34 -24.21 35.76
N PRO C 13 -10.08 -23.53 36.89
CA PRO C 13 -9.88 -22.08 36.84
C PRO C 13 -8.72 -21.71 35.92
N CYS C 14 -8.90 -20.61 35.19
CA CYS C 14 -7.89 -20.15 34.24
C CYS C 14 -6.67 -19.66 35.01
N GLU C 15 -5.55 -20.36 34.87
CA GLU C 15 -4.26 -19.94 35.43
C GLU C 15 -3.36 -19.51 34.28
N PRO C 16 -3.36 -18.22 33.91
CA PRO C 16 -2.55 -17.78 32.76
C PRO C 16 -1.07 -18.04 32.92
N ALA C 17 -0.55 -18.03 34.15
CA ALA C 17 0.86 -18.34 34.34
C ALA C 17 1.13 -19.83 34.16
N SER C 18 0.17 -20.68 34.51
CA SER C 18 0.32 -22.13 34.39
C SER C 18 -0.09 -22.60 33.00
N CYS C 19 0.57 -22.03 32.00
CA CYS C 19 0.17 -22.26 30.62
C CYS C 19 1.27 -23.00 29.86
N PRO C 20 0.91 -23.98 29.04
CA PRO C 20 1.87 -24.60 28.14
C PRO C 20 2.53 -23.56 27.25
N PRO C 21 3.86 -23.49 27.23
CA PRO C 21 4.53 -22.41 26.51
C PRO C 21 4.41 -22.56 25.00
N LEU C 22 4.23 -21.43 24.33
CA LEU C 22 4.22 -21.41 22.88
C LEU C 22 5.65 -21.51 22.36
N PRO C 23 5.82 -21.88 21.08
CA PRO C 23 7.17 -21.94 20.53
C PRO C 23 7.84 -20.59 20.61
N PRO C 24 9.16 -20.56 20.81
CA PRO C 24 9.85 -19.27 20.99
C PRO C 24 9.75 -18.36 19.79
N LEU C 25 9.56 -18.93 18.60
CA LEU C 25 9.29 -18.18 17.38
C LEU C 25 7.80 -17.94 17.16
N GLY C 26 6.97 -18.20 18.17
CA GLY C 26 5.54 -18.11 18.00
C GLY C 26 5.01 -19.23 17.12
N CYS C 27 3.73 -19.13 16.80
CA CYS C 27 3.11 -20.05 15.86
C CYS C 27 3.14 -19.48 14.46
N LEU C 28 3.39 -20.36 13.48
CA LEU C 28 3.58 -19.96 12.09
C LEU C 28 2.30 -20.02 11.27
N LEU C 29 1.15 -20.20 11.92
CA LEU C 29 -0.11 -20.32 11.19
C LEU C 29 -1.25 -19.57 11.87
N GLY C 30 -0.97 -18.78 12.89
CA GLY C 30 -2.01 -18.15 13.69
C GLY C 30 -2.02 -18.71 15.10
N GLU C 31 -2.91 -18.15 15.92
CA GLU C 31 -2.95 -18.52 17.32
C GLU C 31 -4.33 -18.27 17.89
N THR C 32 -4.79 -19.18 18.75
CA THR C 32 -6.04 -19.03 19.48
C THR C 32 -5.83 -19.52 20.90
N ARG C 33 -6.87 -19.38 21.72
CA ARG C 33 -6.85 -19.99 23.05
C ARG C 33 -7.22 -21.47 22.93
N ASP C 34 -7.19 -22.18 24.04
CA ASP C 34 -7.54 -23.60 24.03
C ASP C 34 -9.06 -23.76 23.91
N ALA C 35 -9.54 -24.99 24.09
CA ALA C 35 -10.98 -25.22 24.05
C ALA C 35 -11.68 -24.60 25.25
N CYS C 36 -11.00 -24.53 26.39
CA CYS C 36 -11.57 -23.95 27.61
C CYS C 36 -11.42 -22.43 27.67
N GLY C 37 -10.78 -21.82 26.67
CA GLY C 37 -10.63 -20.38 26.63
C GLY C 37 -9.43 -19.85 27.39
N CYS C 38 -8.68 -20.70 28.07
CA CYS C 38 -7.51 -20.29 28.83
C CYS C 38 -6.27 -20.93 28.22
N CYS C 39 -5.15 -20.21 28.29
CA CYS C 39 -3.86 -20.63 27.74
C CYS C 39 -3.92 -20.62 26.22
N PRO C 40 -3.03 -19.88 25.57
CA PRO C 40 -3.04 -19.84 24.10
C PRO C 40 -2.62 -21.15 23.49
N MET C 41 -3.05 -21.36 22.25
CA MET C 41 -2.78 -22.60 21.52
C MET C 41 -2.50 -22.28 20.06
N CYS C 42 -1.46 -22.89 19.51
CA CYS C 42 -1.11 -22.63 18.12
C CYS C 42 -2.10 -23.30 17.19
N ALA C 43 -2.30 -22.68 16.03
CA ALA C 43 -3.20 -23.24 15.02
C ALA C 43 -2.62 -24.52 14.43
N ARG C 44 -3.51 -25.34 13.88
CA ARG C 44 -3.12 -26.62 13.32
C ARG C 44 -2.55 -26.43 11.91
N GLY C 45 -1.73 -27.39 11.49
CA GLY C 45 -1.16 -27.40 10.16
C GLY C 45 -1.68 -28.57 9.33
N GLU C 46 -1.17 -28.64 8.10
CA GLU C 46 -1.58 -29.71 7.19
C GLU C 46 -1.16 -31.06 7.76
N GLY C 47 -2.10 -32.01 7.73
CA GLY C 47 -1.91 -33.30 8.35
C GLY C 47 -2.03 -33.30 9.86
N GLU C 48 -1.98 -32.14 10.50
CA GLU C 48 -2.09 -32.07 11.95
C GLU C 48 -3.54 -32.34 12.36
N PRO C 49 -3.74 -32.96 13.52
CA PRO C 49 -5.11 -33.31 13.94
C PRO C 49 -5.96 -32.10 14.29
N CYS C 50 -7.00 -31.84 13.52
CA CYS C 50 -7.99 -30.81 13.84
C CYS C 50 -9.06 -31.46 14.70
N GLY C 51 -8.81 -31.51 16.00
CA GLY C 51 -9.69 -32.18 16.93
C GLY C 51 -11.12 -31.68 16.91
N GLY C 52 -12.05 -32.54 16.49
CA GLY C 52 -13.46 -32.18 16.56
C GLY C 52 -13.96 -32.15 17.99
N GLY C 53 -13.65 -33.20 18.75
CA GLY C 53 -14.05 -33.26 20.14
C GLY C 53 -12.92 -33.79 21.00
N GLY C 54 -13.02 -33.48 22.30
CA GLY C 54 -12.04 -33.90 23.26
C GLY C 54 -11.05 -32.78 23.60
N ALA C 55 -10.39 -32.95 24.75
CA ALA C 55 -9.42 -31.97 25.21
C ALA C 55 -8.23 -31.92 24.26
N GLY C 56 -7.57 -30.76 24.23
CA GLY C 56 -6.48 -30.57 23.30
C GLY C 56 -6.91 -30.56 21.84
N ARG C 57 -8.19 -30.27 21.58
CA ARG C 57 -8.70 -30.28 20.22
C ARG C 57 -8.04 -29.17 19.41
N GLY C 58 -7.65 -29.49 18.19
CA GLY C 58 -6.98 -28.55 17.31
C GLY C 58 -7.93 -27.92 16.30
N TYR C 59 -7.50 -26.80 15.73
CA TYR C 59 -8.29 -26.08 14.77
C TYR C 59 -7.42 -25.61 13.63
N CYS C 60 -7.89 -25.80 12.40
CA CYS C 60 -7.09 -25.56 11.21
C CYS C 60 -6.74 -24.09 11.04
N ALA C 61 -5.63 -23.84 10.35
CA ALA C 61 -5.20 -22.49 10.01
C ALA C 61 -6.07 -21.97 8.88
N PRO C 62 -5.99 -20.66 8.59
CA PRO C 62 -6.74 -20.12 7.45
C PRO C 62 -6.39 -20.84 6.16
N GLY C 63 -7.42 -21.09 5.34
CA GLY C 63 -7.26 -21.80 4.10
C GLY C 63 -7.23 -23.31 4.23
N MET C 64 -7.37 -23.84 5.44
CA MET C 64 -7.32 -25.27 5.69
C MET C 64 -8.70 -25.77 6.10
N GLU C 65 -9.10 -26.90 5.52
CA GLU C 65 -10.41 -27.50 5.78
C GLU C 65 -10.23 -28.77 6.59
N CYS C 66 -10.98 -28.89 7.68
CA CYS C 66 -10.88 -30.03 8.57
C CYS C 66 -11.74 -31.17 8.05
N VAL C 67 -11.10 -32.25 7.60
CA VAL C 67 -11.78 -33.42 7.10
C VAL C 67 -11.51 -34.59 8.04
N LYS C 68 -12.46 -35.53 8.10
CA LYS C 68 -12.37 -36.69 8.97
C LYS C 68 -12.41 -37.95 8.14
N SER C 69 -11.43 -38.84 8.36
CA SER C 69 -11.35 -40.13 7.68
C SER C 69 -11.40 -39.98 6.16
N GLY C 83 -17.95 -38.64 11.92
CA GLY C 83 -18.51 -38.23 13.20
C GLY C 83 -17.85 -36.94 13.70
N PRO C 84 -18.66 -36.00 14.19
CA PRO C 84 -18.09 -34.75 14.70
C PRO C 84 -17.16 -34.96 15.89
N GLY C 85 -17.36 -36.02 16.66
CA GLY C 85 -16.52 -36.24 17.83
C GLY C 85 -15.13 -36.70 17.49
N VAL C 86 -14.96 -37.42 16.39
CA VAL C 86 -13.64 -37.91 16.01
C VAL C 86 -12.79 -36.74 15.51
N SER C 87 -11.49 -36.83 15.74
CA SER C 87 -10.56 -35.78 15.36
C SER C 87 -10.04 -36.06 13.95
N GLY C 88 -10.33 -35.16 13.03
CA GLY C 88 -9.85 -35.27 11.67
C GLY C 88 -8.48 -34.63 11.50
N VAL C 89 -8.11 -34.43 10.25
CA VAL C 89 -6.83 -33.82 9.89
C VAL C 89 -7.10 -32.59 9.03
N CYS C 90 -6.19 -31.62 9.13
CA CYS C 90 -6.33 -30.38 8.38
C CYS C 90 -5.85 -30.61 6.94
N VAL C 91 -6.73 -30.34 5.98
CA VAL C 91 -6.42 -30.48 4.56
C VAL C 91 -6.53 -29.11 3.92
N CYS C 92 -5.48 -28.72 3.19
CA CYS C 92 -5.50 -27.45 2.47
C CYS C 92 -6.55 -27.51 1.36
N LYS C 93 -7.38 -26.46 1.27
CA LYS C 93 -8.40 -26.41 0.23
C LYS C 93 -7.78 -26.35 -1.17
N SER C 94 -6.51 -25.95 -1.27
CA SER C 94 -5.78 -25.97 -2.53
C SER C 94 -4.89 -27.21 -2.53
N ARG C 95 -5.44 -28.32 -3.01
CA ARG C 95 -4.75 -29.60 -2.99
C ARG C 95 -3.71 -29.74 -4.10
N TYR C 96 -3.44 -28.66 -4.87
CA TYR C 96 -2.47 -28.81 -5.94
C TYR C 96 -1.14 -28.19 -5.55
N PRO C 97 -0.03 -28.71 -6.09
CA PRO C 97 1.28 -28.12 -5.78
C PRO C 97 1.44 -26.73 -6.38
N VAL C 98 2.33 -25.95 -5.77
CA VAL C 98 2.63 -24.60 -6.21
C VAL C 98 4.13 -24.37 -6.15
N CYS C 99 4.59 -23.38 -6.91
CA CYS C 99 5.99 -23.02 -6.99
C CYS C 99 6.20 -21.67 -6.31
N GLY C 100 7.08 -21.64 -5.32
CA GLY C 100 7.38 -20.41 -4.60
C GLY C 100 8.60 -19.70 -5.17
N SER C 101 8.86 -18.51 -4.61
CA SER C 101 10.00 -17.72 -5.03
C SER C 101 11.33 -18.31 -4.61
N ASP C 102 11.33 -19.34 -3.76
CA ASP C 102 12.54 -20.00 -3.32
C ASP C 102 12.97 -21.13 -4.24
N GLY C 103 12.27 -21.33 -5.36
CA GLY C 103 12.58 -22.41 -6.27
C GLY C 103 12.13 -23.78 -5.83
N THR C 104 11.47 -23.89 -4.67
CA THR C 104 11.02 -25.16 -4.14
C THR C 104 9.56 -25.40 -4.53
N THR C 105 9.28 -26.58 -5.07
CA THR C 105 7.92 -26.97 -5.40
C THR C 105 7.21 -27.41 -4.12
N TYR C 106 6.25 -26.62 -3.66
CA TYR C 106 5.57 -27.00 -2.43
C TYR C 106 4.35 -27.86 -2.75
N PRO C 107 4.05 -28.84 -1.90
CA PRO C 107 2.90 -29.73 -2.19
C PRO C 107 1.57 -29.02 -2.18
N SER C 108 1.45 -27.91 -1.45
CA SER C 108 0.19 -27.17 -1.39
C SER C 108 0.50 -25.73 -1.04
N GLY C 109 -0.42 -24.84 -1.43
CA GLY C 109 -0.25 -23.43 -1.12
C GLY C 109 -0.20 -23.15 0.36
N CYS C 110 -0.85 -23.99 1.17
CA CYS C 110 -0.79 -23.81 2.62
C CYS C 110 0.61 -24.11 3.15
N GLN C 111 1.24 -25.18 2.66
CA GLN C 111 2.60 -25.48 3.09
C GLN C 111 3.59 -24.46 2.56
N LEU C 112 3.28 -23.83 1.42
CA LEU C 112 4.09 -22.69 0.97
C LEU C 112 3.95 -21.52 1.94
N ARG C 113 2.72 -21.19 2.32
CA ARG C 113 2.51 -20.11 3.28
C ARG C 113 3.09 -20.45 4.64
N ALA C 114 3.19 -21.74 4.96
CA ALA C 114 3.83 -22.16 6.21
C ALA C 114 5.33 -21.91 6.16
N ALA C 115 5.98 -22.41 5.11
CA ALA C 115 7.42 -22.17 4.95
C ALA C 115 7.72 -20.69 4.75
N SER C 116 6.77 -19.95 4.16
CA SER C 116 6.94 -18.51 4.04
C SER C 116 7.03 -17.83 5.39
N GLN C 117 6.40 -18.41 6.41
CA GLN C 117 6.41 -17.84 7.75
C GLN C 117 7.49 -18.43 8.65
N ARG C 118 8.07 -19.58 8.28
CA ARG C 118 9.28 -20.02 8.94
C ARG C 118 10.41 -19.03 8.72
N ALA C 119 10.52 -18.50 7.49
CA ALA C 119 11.55 -17.52 7.19
C ALA C 119 11.23 -16.17 7.83
N GLU C 120 9.97 -15.73 7.75
CA GLU C 120 9.59 -14.47 8.37
C GLU C 120 9.71 -14.53 9.88
N SER C 121 9.66 -15.72 10.48
CA SER C 121 9.96 -15.87 11.89
C SER C 121 11.45 -15.78 12.18
N ARG C 122 12.29 -16.21 11.23
CA ARG C 122 13.74 -16.12 11.36
C ARG C 122 14.30 -14.79 10.88
N GLY C 123 13.52 -14.02 10.14
CA GLY C 123 14.01 -12.77 9.58
C GLY C 123 14.61 -12.94 8.21
N GLU C 124 13.93 -13.70 7.36
CA GLU C 124 14.40 -13.99 6.01
C GLU C 124 13.33 -13.57 5.00
N LYS C 125 13.71 -13.59 3.72
CA LYS C 125 12.79 -13.23 2.66
C LYS C 125 11.66 -14.25 2.58
N ALA C 126 10.42 -13.78 2.57
CA ALA C 126 9.27 -14.67 2.52
C ALA C 126 9.15 -15.30 1.13
N ILE C 127 8.50 -16.45 1.10
CA ILE C 127 8.33 -17.23 -0.13
C ILE C 127 6.92 -16.97 -0.63
N THR C 128 6.81 -16.15 -1.67
CA THR C 128 5.54 -15.90 -2.32
C THR C 128 5.35 -16.87 -3.48
N GLN C 129 4.12 -17.33 -3.67
CA GLN C 129 3.85 -18.27 -4.76
C GLN C 129 3.93 -17.55 -6.10
N VAL C 130 4.74 -18.09 -7.00
CA VAL C 130 4.97 -17.48 -8.30
C VAL C 130 4.10 -18.09 -9.38
N SER C 131 3.85 -19.39 -9.29
CA SER C 131 3.00 -20.05 -10.28
C SER C 131 2.41 -21.31 -9.66
N LYS C 132 1.12 -21.53 -9.89
CA LYS C 132 0.48 -22.75 -9.45
C LYS C 132 0.97 -23.92 -10.30
N GLY C 133 1.49 -24.95 -9.65
CA GLY C 133 2.11 -26.06 -10.32
C GLY C 133 3.56 -26.23 -9.91
N THR C 134 4.21 -27.21 -10.53
CA THR C 134 5.61 -27.49 -10.22
C THR C 134 6.50 -26.34 -10.66
N CYS C 135 7.63 -26.18 -9.96
CA CYS C 135 8.62 -25.20 -10.37
C CYS C 135 9.24 -25.53 -11.72
N GLU C 136 9.20 -26.80 -12.11
CA GLU C 136 9.64 -27.19 -13.46
C GLU C 136 8.73 -26.61 -14.53
N GLN C 137 7.52 -26.20 -14.18
CA GLN C 137 6.59 -25.62 -15.15
C GLN C 137 6.82 -24.12 -15.28
N THR D 10 45.66 6.63 -5.16
CA THR D 10 44.58 7.61 -5.04
C THR D 10 44.90 8.85 -5.88
N CYS D 11 43.98 9.82 -5.85
CA CYS D 11 44.15 11.04 -6.63
C CYS D 11 43.53 12.20 -5.86
N GLY D 12 43.84 13.42 -6.31
CA GLY D 12 43.35 14.61 -5.68
C GLY D 12 41.87 14.83 -5.92
N PRO D 13 41.23 15.61 -5.07
CA PRO D 13 39.78 15.84 -5.21
C PRO D 13 39.48 16.68 -6.43
N CYS D 14 38.24 16.52 -6.92
CA CYS D 14 37.78 17.29 -8.07
C CYS D 14 37.75 18.77 -7.73
N GLU D 15 38.40 19.57 -8.56
CA GLU D 15 38.45 21.02 -8.39
C GLU D 15 38.05 21.66 -9.72
N PRO D 16 36.77 21.95 -9.90
CA PRO D 16 36.29 22.53 -11.17
C PRO D 16 37.06 23.77 -11.61
N ALA D 17 37.25 24.74 -10.71
CA ALA D 17 38.01 25.92 -11.05
C ALA D 17 39.45 25.57 -11.40
N SER D 18 40.02 24.60 -10.68
CA SER D 18 41.38 24.13 -10.97
C SER D 18 41.42 23.08 -12.08
N CYS D 19 40.56 23.22 -13.08
CA CYS D 19 40.60 22.38 -14.27
C CYS D 19 41.12 23.19 -15.44
N PRO D 20 42.08 22.69 -16.20
CA PRO D 20 42.53 23.40 -17.39
C PRO D 20 41.36 23.71 -18.31
N PRO D 21 41.11 24.98 -18.60
CA PRO D 21 39.95 25.34 -19.42
C PRO D 21 39.95 24.60 -20.75
N LEU D 22 38.79 24.03 -21.10
CA LEU D 22 38.64 23.30 -22.34
C LEU D 22 38.92 24.23 -23.53
N PRO D 23 39.26 23.66 -24.68
CA PRO D 23 39.51 24.49 -25.87
C PRO D 23 38.38 25.47 -26.11
N PRO D 24 38.69 26.66 -26.60
CA PRO D 24 37.64 27.68 -26.78
C PRO D 24 36.52 27.23 -27.71
N LEU D 25 36.84 26.44 -28.72
CA LEU D 25 35.82 25.83 -29.56
C LEU D 25 35.26 24.56 -28.96
N GLY D 26 35.85 24.06 -27.88
CA GLY D 26 35.47 22.78 -27.31
C GLY D 26 36.07 21.61 -28.07
N CYS D 27 36.13 20.47 -27.39
CA CYS D 27 36.64 19.26 -28.01
C CYS D 27 35.73 18.84 -29.15
N LEU D 28 36.26 18.83 -30.36
CA LEU D 28 35.48 18.55 -31.56
C LEU D 28 35.35 17.06 -31.86
N LEU D 29 35.98 16.19 -31.06
CA LEU D 29 35.84 14.75 -31.26
C LEU D 29 34.92 14.15 -30.21
N GLY D 30 35.34 14.20 -28.95
CA GLY D 30 34.55 13.66 -27.86
C GLY D 30 34.69 14.48 -26.59
N GLU D 31 34.47 13.85 -25.44
CA GLU D 31 34.62 14.53 -24.16
C GLU D 31 34.62 13.51 -23.02
N THR D 32 35.58 13.64 -22.10
CA THR D 32 35.70 12.69 -21.00
C THR D 32 36.42 13.38 -19.84
N ARG D 33 36.61 12.63 -18.76
CA ARG D 33 37.35 13.10 -17.61
C ARG D 33 38.82 12.71 -17.71
N ASP D 34 39.61 13.20 -16.76
CA ASP D 34 41.03 12.88 -16.74
C ASP D 34 41.23 11.44 -16.26
N ALA D 35 42.51 11.04 -16.17
CA ALA D 35 42.83 9.69 -15.73
C ALA D 35 42.35 9.43 -14.31
N CYS D 36 42.48 10.43 -13.44
CA CYS D 36 42.01 10.31 -12.07
C CYS D 36 40.50 10.39 -11.96
N GLY D 37 39.78 10.59 -13.06
CA GLY D 37 38.33 10.65 -13.01
C GLY D 37 37.77 12.00 -12.67
N CYS D 38 38.48 13.08 -13.00
CA CYS D 38 38.04 14.42 -12.67
C CYS D 38 38.40 15.35 -13.83
N CYS D 39 37.80 16.55 -13.83
CA CYS D 39 38.04 17.61 -14.80
C CYS D 39 37.60 17.21 -16.20
N PRO D 40 37.35 18.15 -17.10
CA PRO D 40 37.04 17.80 -18.48
C PRO D 40 38.31 17.49 -19.27
N MET D 41 38.15 16.66 -20.29
CA MET D 41 39.25 16.28 -21.16
C MET D 41 38.73 16.08 -22.58
N CYS D 42 39.64 16.21 -23.55
CA CYS D 42 39.30 16.06 -24.95
C CYS D 42 39.68 14.66 -25.43
N ALA D 43 38.85 14.10 -26.30
CA ALA D 43 39.16 12.81 -26.89
C ALA D 43 40.35 12.93 -27.84
N ARG D 44 41.32 12.04 -27.68
CA ARG D 44 42.55 12.12 -28.47
C ARG D 44 42.29 11.69 -29.92
N GLY D 45 42.80 12.48 -30.86
CA GLY D 45 42.63 12.22 -32.27
C GLY D 45 43.63 11.20 -32.78
N GLU D 46 43.88 11.27 -34.09
CA GLU D 46 44.82 10.34 -34.72
C GLU D 46 46.24 10.63 -34.26
N GLY D 47 46.97 9.56 -33.94
CA GLY D 47 48.35 9.66 -33.54
C GLY D 47 48.56 10.51 -32.29
N GLU D 48 47.86 10.17 -31.21
CA GLU D 48 47.94 10.91 -29.97
C GLU D 48 48.29 9.98 -28.83
N PRO D 49 49.04 10.46 -27.84
CA PRO D 49 49.40 9.61 -26.70
C PRO D 49 48.18 9.10 -25.95
N CYS D 50 48.20 7.82 -25.60
CA CYS D 50 47.10 7.18 -24.90
C CYS D 50 47.65 6.01 -24.10
N GLY D 51 47.08 5.79 -22.92
CA GLY D 51 47.51 4.71 -22.05
C GLY D 51 48.36 5.20 -20.90
N GLY D 52 48.57 4.29 -19.94
CA GLY D 52 49.29 4.59 -18.72
C GLY D 52 50.65 5.24 -18.91
N ALA D 55 48.85 7.76 -15.65
CA ALA D 55 48.46 9.00 -15.00
C ALA D 55 48.61 10.18 -15.96
N GLY D 56 47.59 11.05 -15.97
CA GLY D 56 47.62 12.20 -16.85
C GLY D 56 47.55 11.86 -18.32
N ARG D 57 46.86 10.78 -18.67
CA ARG D 57 46.76 10.32 -20.04
C ARG D 57 45.43 10.73 -20.67
N GLY D 58 45.37 10.62 -21.98
CA GLY D 58 44.12 10.80 -22.71
C GLY D 58 43.74 9.53 -23.43
N TYR D 59 42.46 9.39 -23.78
CA TYR D 59 41.98 8.20 -24.47
C TYR D 59 41.57 8.55 -25.90
N CYS D 60 41.56 7.52 -26.74
CA CYS D 60 41.37 7.69 -28.17
C CYS D 60 39.94 8.14 -28.49
N ALA D 61 39.79 8.67 -29.69
CA ALA D 61 38.49 9.09 -30.20
C ALA D 61 37.71 7.85 -30.66
N PRO D 62 36.45 8.02 -31.07
CA PRO D 62 35.74 6.89 -31.70
C PRO D 62 36.43 6.45 -32.98
N GLY D 63 36.34 5.15 -33.25
CA GLY D 63 36.97 4.58 -34.43
C GLY D 63 38.48 4.54 -34.38
N MET D 64 39.05 4.64 -33.19
CA MET D 64 40.50 4.68 -33.01
C MET D 64 40.96 3.47 -32.20
N GLU D 65 42.24 3.15 -32.31
CA GLU D 65 42.88 2.12 -31.50
C GLU D 65 44.18 2.66 -30.94
N CYS D 66 44.46 2.34 -29.69
CA CYS D 66 45.69 2.78 -29.02
C CYS D 66 46.75 1.70 -29.21
N VAL D 67 47.39 1.73 -30.38
CA VAL D 67 48.46 0.77 -30.67
C VAL D 67 49.70 1.15 -29.88
N LYS D 68 50.32 0.15 -29.25
CA LYS D 68 51.49 0.37 -28.42
C LYS D 68 52.65 -0.51 -28.85
N VAL D 86 52.85 0.91 -21.67
CA VAL D 86 52.64 2.17 -20.98
C VAL D 86 51.70 3.06 -21.78
N SER D 87 52.23 3.73 -22.80
CA SER D 87 51.45 4.63 -23.63
C SER D 87 51.88 4.48 -25.08
N GLY D 88 50.91 4.62 -25.99
CA GLY D 88 51.14 4.49 -27.41
C GLY D 88 50.56 5.67 -28.17
N VAL D 89 49.95 5.36 -29.32
CA VAL D 89 49.36 6.36 -30.19
C VAL D 89 48.04 5.83 -30.73
N CYS D 90 47.12 6.76 -31.04
CA CYS D 90 45.81 6.40 -31.56
C CYS D 90 45.87 6.27 -33.08
N VAL D 91 45.62 5.07 -33.58
CA VAL D 91 45.54 4.83 -35.02
C VAL D 91 44.10 4.44 -35.35
N CYS D 92 43.69 4.77 -36.57
CA CYS D 92 42.32 4.54 -36.99
C CYS D 92 42.07 3.06 -37.26
N LYS D 93 40.89 2.58 -36.85
CA LYS D 93 40.45 1.24 -37.25
C LYS D 93 40.33 1.15 -38.77
N SER D 94 39.82 2.22 -39.39
CA SER D 94 39.71 2.31 -40.85
C SER D 94 40.97 2.98 -41.38
N ARG D 95 42.00 2.18 -41.64
CA ARG D 95 43.26 2.66 -42.19
C ARG D 95 43.26 2.66 -43.71
N TYR D 96 42.13 2.96 -44.33
CA TYR D 96 42.00 2.94 -45.78
C TYR D 96 41.31 4.22 -46.25
N PRO D 97 41.82 4.85 -47.31
CA PRO D 97 41.24 6.12 -47.77
C PRO D 97 39.78 5.97 -48.17
N VAL D 98 39.02 7.07 -48.03
CA VAL D 98 37.60 7.10 -48.31
C VAL D 98 37.27 8.34 -49.12
N CYS D 99 36.10 8.31 -49.75
CA CYS D 99 35.59 9.42 -50.54
C CYS D 99 34.39 10.03 -49.83
N GLY D 100 34.39 11.36 -49.70
CA GLY D 100 33.38 12.07 -48.95
C GLY D 100 32.45 12.90 -49.81
N SER D 101 31.48 13.52 -49.13
CA SER D 101 30.51 14.36 -49.80
C SER D 101 31.09 15.69 -50.26
N ASP D 102 32.26 16.08 -49.75
CA ASP D 102 32.92 17.31 -50.15
C ASP D 102 33.66 17.17 -51.48
N GLY D 103 33.51 16.04 -52.16
CA GLY D 103 34.24 15.81 -53.40
C GLY D 103 35.74 15.72 -53.22
N THR D 104 36.19 15.20 -52.08
CA THR D 104 37.61 15.16 -51.76
C THR D 104 37.95 13.82 -51.11
N THR D 105 38.99 13.17 -51.62
CA THR D 105 39.47 11.94 -51.02
C THR D 105 40.16 12.23 -49.68
N TYR D 106 39.87 11.40 -48.68
CA TYR D 106 40.40 11.55 -47.35
C TYR D 106 41.45 10.48 -47.07
N PRO D 107 42.39 10.73 -46.14
CA PRO D 107 43.36 9.68 -45.81
C PRO D 107 42.73 8.45 -45.20
N SER D 108 41.62 8.62 -44.49
CA SER D 108 40.94 7.52 -43.82
C SER D 108 39.55 8.00 -43.44
N GLY D 109 38.70 7.04 -43.04
CA GLY D 109 37.39 7.39 -42.52
C GLY D 109 37.45 8.22 -41.26
N CYS D 110 38.55 8.12 -40.50
CA CYS D 110 38.69 8.92 -39.29
C CYS D 110 38.88 10.40 -39.64
N GLN D 111 39.68 10.68 -40.67
CA GLN D 111 39.89 12.07 -41.07
C GLN D 111 38.63 12.68 -41.68
N LEU D 112 37.77 11.85 -42.29
CA LEU D 112 36.49 12.36 -42.77
C LEU D 112 35.60 12.78 -41.62
N ARG D 113 35.58 11.99 -40.54
CA ARG D 113 34.79 12.37 -39.37
C ARG D 113 35.38 13.60 -38.69
N ALA D 114 36.70 13.63 -38.50
CA ALA D 114 37.33 14.72 -37.79
C ALA D 114 37.05 16.07 -38.47
N ALA D 115 37.15 16.10 -39.80
CA ALA D 115 36.84 17.33 -40.52
C ALA D 115 35.35 17.61 -40.59
N SER D 116 34.51 16.57 -40.46
CA SER D 116 33.07 16.78 -40.53
C SER D 116 32.54 17.50 -39.29
N GLN D 117 33.03 17.12 -38.11
CA GLN D 117 32.61 17.79 -36.88
C GLN D 117 33.06 19.25 -36.85
N ARG D 118 34.15 19.57 -37.57
CA ARG D 118 34.55 20.97 -37.69
C ARG D 118 33.53 21.76 -38.49
N ALA D 119 32.95 21.15 -39.52
CA ALA D 119 31.97 21.84 -40.34
C ALA D 119 30.75 22.26 -39.54
N GLU D 120 30.26 21.39 -38.66
CA GLU D 120 29.14 21.76 -37.81
C GLU D 120 29.55 22.80 -36.77
N SER D 121 30.80 22.75 -36.31
CA SER D 121 31.27 23.75 -35.35
C SER D 121 31.34 25.13 -35.98
N ARG D 122 31.69 25.22 -37.27
CA ARG D 122 31.70 26.46 -38.01
C ARG D 122 30.47 26.63 -38.90
N GLY D 123 29.40 25.87 -38.63
CA GLY D 123 28.14 26.05 -39.32
C GLY D 123 28.02 25.40 -40.67
N GLU D 124 29.13 24.95 -41.26
CA GLU D 124 29.08 24.36 -42.59
C GLU D 124 28.35 23.03 -42.57
N LYS D 125 27.96 22.58 -43.76
CA LYS D 125 27.22 21.33 -43.89
C LYS D 125 28.09 20.14 -43.49
N ALA D 126 27.46 19.13 -42.91
CA ALA D 126 28.19 17.96 -42.44
C ALA D 126 28.75 17.16 -43.61
N ILE D 127 30.02 16.80 -43.51
CA ILE D 127 30.67 15.99 -44.54
C ILE D 127 30.29 14.53 -44.32
N THR D 128 29.66 13.93 -45.33
CA THR D 128 29.18 12.57 -45.25
C THR D 128 30.14 11.62 -45.96
N GLN D 129 30.14 10.36 -45.52
CA GLN D 129 30.97 9.32 -46.12
C GLN D 129 30.23 8.75 -47.31
N VAL D 130 30.57 9.21 -48.52
CA VAL D 130 29.87 8.78 -49.72
C VAL D 130 30.29 7.38 -50.12
N SER D 131 31.60 7.15 -50.26
CA SER D 131 32.11 5.86 -50.69
C SER D 131 33.50 5.67 -50.10
N LYS D 132 34.20 4.63 -50.55
CA LYS D 132 35.53 4.29 -50.10
C LYS D 132 36.51 4.46 -51.25
N GLY D 133 37.78 4.17 -50.98
CA GLY D 133 38.81 4.33 -51.99
C GLY D 133 39.07 5.80 -52.24
N THR D 134 39.04 6.18 -53.52
CA THR D 134 39.25 7.57 -53.93
C THR D 134 37.93 8.15 -54.43
N CYS D 135 37.98 9.44 -54.79
CA CYS D 135 36.81 10.19 -55.23
C CYS D 135 36.83 10.26 -56.75
N GLU D 136 35.87 9.61 -57.40
CA GLU D 136 35.79 9.63 -58.86
C GLU D 136 35.29 10.98 -59.36
#